data_7ZLJ
#
_entry.id   7ZLJ
#
_cell.length_a   1.00
_cell.length_b   1.00
_cell.length_c   1.00
_cell.angle_alpha   90.00
_cell.angle_beta   90.00
_cell.angle_gamma   90.00
#
_symmetry.space_group_name_H-M   'P 1'
#
loop_
_entity.id
_entity.type
_entity.pdbx_description
1 polymer 'CMT2-Fab heavy chain'
2 polymer 'Anti-Fab nanobody'
3 polymer 'CMT2-Fab light chain'
4 polymer 'C-mannosyltransferase dpy-19'
5 polymer 'synthetic octapeptide WEHI 1886493'
6 non-polymer '[(2~{R},3~{S},4~{S},5~{S},6~{R})-6-(hydroxymethyl)-3,4,5-tris(oxidanyl)oxan-2-yl]methyl-[(3~{S},6~{E},10~{Z},14~{E})-3,7,11,15,19-pentamethylicosa-6,10,14,18-tetraenoxy]phosphinic acid'
7 water water
#
loop_
_entity_poly.entity_id
_entity_poly.type
_entity_poly.pdbx_seq_one_letter_code
_entity_poly.pdbx_strand_id
1 'polypeptide(L)'
;EISEVQLVESGGGLVQPGGSLRLSCAASGFNISSSSIHWVRQAPGKGLEWVASISSSYGYTSYADSVKGRFTISADTSKN
TAYLQMNSLRAEDTAVYYCARSSSVYWSWWGYSAFDYWGQGTLVTVSSASTKGPSVFPLAPSSKSTSGGTAALGCLVKDY
FPEPVTVSWNSGALTSGVHTFPAVLQSSGLYSLSSVVTVPSSSLGTQTYICNVNHKPSNTKVDKKVEPKSCDKTHT
;
H
2 'polypeptide(L)'
;GSQVQLQESGGGLVQPGGSLRLSCAASGRTISRYAMSWFRQAPGKEREFVAVARRSGDGAFYADSVQGRFTVSRDDAKNT
VYLQMNSLKPEDTAVYYCAIDSDTFYSGSYDYWGQGTQVTVSS
;
K
3 'polypeptide(L)'
;SDIQMTQSPSSLSASVGDRVTITCRASQSVSSAVAWYQQKPGKAPKLLIYSASSLYSGVPSRFSGSRSGTDFTLTISSLQ
PEDFATYYCQQGASEPITFGQGTKVEIKRTVAAPSVFIFPPSDSQLKSGTASVVCLLNNFYPREAKVQWKVDNALQSGNS
QESVTEQDSKDSTYSLSSTLTLSKADYEKHKVYACEVTHQGLSSPVTKSFNRGEC
;
L
4 'polypeptide(L)'
;MAKKPKNSPEKSKYSSDTSSSLYSQTWLASVVIIGLLVGYINYQHVYTLFENDKHFSHLADFEREMAYRTEMGLYYSYYK
TIINAPSFLEGVQEITHDTVTEHGHEINTLNRFNLYPEVILAFLYRPFRAFAKSANWQIELCWQVNRGELRPVESCEGIG
NPHYFYITGVFIVAGTVASSIFYLGVLVSDSIFGGFLSVLCFAFNHGEATRVQWTPPLRESFAFPFIIGHIAILTFVIKY
KKSGHSMILLLTSMAVPALLFWQFTQFAFFTQICSIFLAFSLDLIPFSTAKTVIHSHIISFLIGFLLLFGNEMMITALYF
PSILALGMIIYISPLLSNLKFRPAYVLFLAIIFASITLGLKIGLSKGLGIEDDAHIFDILRSKFTSFANFHTRLYTCSAE
FDFIQYSTIEKLCGTLLIPLALISLVTFVFNFVKNTNLLWRNSEEIGENGEILYNVVQLCCSTVMAFLIMRLKLFMTPHL
CIVAALFANSKLLGGDRISKTIRVSALVGVIAILFYRGIPNIRQQLNVKGEYSNPDQEMLFDWIQHNTKQDAVFAGTMPV
MANVKLTTLRPIVNHPHYEHVGIRERTLKVYSMFSKKPIAEVHKIMKEMGVNYFVFQLMNCSNDERRPECVYRGMWDEED
PKNSGRTALCDLWILAANSKDNSRIAPFKIVYNANRNYIVLKILEDYKDHDGDYKDHDIDYKDDDDK
;
A
5 'polypeptide(L)' GSWAKWS P
#
loop_
_chem_comp.id
_chem_comp.type
_chem_comp.name
_chem_comp.formula
IZU non-polymer '[(2~{R},3~{S},4~{S},5~{S},6~{R})-6-(hydroxymethyl)-3,4,5-tris(oxidanyl)oxan-2-yl]methyl-[(3~{S},6~{E},10~{Z},14~{E})-3,7,11,15,19-pentamethylicosa-6,10,14,18-tetraenoxy]phosphinic acid' 'C32 H57 O8 P'
#
# COMPACT_ATOMS: atom_id res chain seq x y z
N GLU A 4 41.62 -1.00 -8.14
CA GLU A 4 41.89 -1.83 -6.97
C GLU A 4 40.61 -2.49 -6.47
N VAL A 5 39.47 -1.99 -6.93
CA VAL A 5 38.19 -2.64 -6.65
C VAL A 5 37.88 -3.63 -7.76
N GLN A 6 37.60 -4.88 -7.39
CA GLN A 6 37.33 -5.89 -8.40
C GLN A 6 36.58 -7.06 -7.77
N LEU A 7 35.54 -7.51 -8.46
CA LEU A 7 34.80 -8.70 -8.08
C LEU A 7 35.28 -9.88 -8.91
N VAL A 8 35.48 -11.02 -8.27
CA VAL A 8 35.91 -12.24 -8.96
C VAL A 8 35.00 -13.39 -8.54
N GLU A 9 34.43 -14.08 -9.52
CA GLU A 9 33.54 -15.20 -9.27
C GLU A 9 34.26 -16.52 -9.56
N SER A 10 33.98 -17.53 -8.74
CA SER A 10 34.61 -18.82 -8.91
C SER A 10 33.65 -19.91 -8.41
N GLY A 11 33.91 -21.14 -8.84
CA GLY A 11 33.14 -22.29 -8.40
C GLY A 11 32.21 -22.86 -9.45
N GLY A 12 32.18 -22.31 -10.66
CA GLY A 12 31.33 -22.83 -11.70
C GLY A 12 31.86 -24.11 -12.31
N GLY A 13 31.03 -24.74 -13.13
CA GLY A 13 31.42 -25.99 -13.76
C GLY A 13 30.26 -26.82 -14.28
N LEU A 14 30.27 -28.12 -13.95
CA LEU A 14 29.27 -29.07 -14.44
C LEU A 14 28.62 -29.77 -13.26
N VAL A 15 27.35 -30.12 -13.43
CA VAL A 15 26.62 -30.82 -12.37
C VAL A 15 25.46 -31.59 -12.99
N GLN A 16 25.17 -32.75 -12.42
CA GLN A 16 23.99 -33.53 -12.77
C GLN A 16 22.74 -32.82 -12.28
N PRO A 17 21.61 -32.99 -12.98
CA PRO A 17 20.37 -32.36 -12.51
C PRO A 17 20.00 -32.85 -11.11
N GLY A 18 19.47 -31.93 -10.31
CA GLY A 18 19.14 -32.22 -8.93
C GLY A 18 20.30 -32.13 -7.97
N GLY A 19 21.48 -31.74 -8.43
CA GLY A 19 22.65 -31.64 -7.59
C GLY A 19 22.72 -30.31 -6.86
N SER A 20 23.88 -30.05 -6.26
CA SER A 20 24.11 -28.82 -5.52
C SER A 20 25.45 -28.21 -5.91
N LEU A 21 25.45 -26.90 -6.10
CA LEU A 21 26.65 -26.13 -6.40
C LEU A 21 26.82 -25.05 -5.35
N ARG A 22 28.06 -24.62 -5.16
CA ARG A 22 28.38 -23.62 -4.14
C ARG A 22 29.49 -22.74 -4.69
N LEU A 23 29.12 -21.57 -5.18
CA LEU A 23 30.04 -20.68 -5.86
C LEU A 23 30.26 -19.42 -5.02
N SER A 24 31.39 -18.75 -5.26
CA SER A 24 31.84 -17.66 -4.42
C SER A 24 32.12 -16.41 -5.25
N CYS A 25 31.80 -15.27 -4.66
CA CYS A 25 32.12 -13.95 -5.20
C CYS A 25 33.03 -13.25 -4.19
N ALA A 26 34.29 -13.07 -4.56
CA ALA A 26 35.28 -12.43 -3.70
C ALA A 26 35.56 -11.02 -4.20
N ALA A 27 35.47 -10.05 -3.31
CA ALA A 27 35.71 -8.65 -3.63
C ALA A 27 37.06 -8.23 -3.09
N SER A 28 37.91 -7.71 -3.98
CA SER A 28 39.22 -7.21 -3.60
C SER A 28 39.19 -5.69 -3.70
N GLY A 29 39.62 -5.02 -2.64
CA GLY A 29 39.54 -3.57 -2.58
C GLY A 29 38.48 -3.10 -1.60
N PHE A 30 37.35 -2.65 -2.12
CA PHE A 30 36.25 -2.22 -1.26
C PHE A 30 35.81 -3.36 -0.35
N ASN A 31 35.50 -3.03 0.89
CA ASN A 31 35.06 -4.01 1.87
C ASN A 31 33.57 -4.28 1.74
N ILE A 32 33.19 -5.55 1.83
CA ILE A 32 31.80 -5.95 1.77
C ILE A 32 31.11 -5.51 3.05
N SER A 33 29.78 -5.55 3.06
CA SER A 33 28.89 -5.07 4.12
C SER A 33 28.76 -3.55 4.07
N SER A 34 29.52 -2.86 3.22
CA SER A 34 29.31 -1.45 2.96
C SER A 34 28.48 -1.22 1.70
N SER A 35 28.16 -2.28 0.96
CA SER A 35 27.38 -2.16 -0.26
C SER A 35 26.83 -3.54 -0.61
N SER A 36 25.64 -3.55 -1.20
CA SER A 36 24.98 -4.78 -1.57
C SER A 36 25.65 -5.42 -2.78
N ILE A 37 25.55 -6.74 -2.87
CA ILE A 37 26.05 -7.49 -4.01
C ILE A 37 24.92 -8.37 -4.55
N HIS A 38 24.78 -8.39 -5.87
CA HIS A 38 23.73 -9.14 -6.55
C HIS A 38 24.34 -10.17 -7.47
N TRP A 39 23.71 -11.34 -7.51
CA TRP A 39 24.03 -12.40 -8.45
C TRP A 39 23.04 -12.36 -9.60
N VAL A 40 23.56 -12.20 -10.82
CA VAL A 40 22.75 -12.02 -12.01
C VAL A 40 23.05 -13.15 -12.98
N ARG A 41 22.02 -13.59 -13.70
CA ARG A 41 22.10 -14.75 -14.58
C ARG A 41 21.99 -14.33 -16.03
N GLN A 42 22.70 -15.04 -16.90
CA GLN A 42 22.57 -14.88 -18.35
C GLN A 42 22.55 -16.26 -18.98
N ALA A 43 21.42 -16.64 -19.57
CA ALA A 43 21.34 -17.89 -20.29
C ALA A 43 22.02 -17.75 -21.65
N PRO A 44 22.41 -18.87 -22.25
CA PRO A 44 23.02 -18.81 -23.59
C PRO A 44 22.05 -18.22 -24.60
N GLY A 45 22.50 -17.16 -25.29
CA GLY A 45 21.66 -16.51 -26.28
C GLY A 45 20.41 -15.86 -25.74
N LYS A 46 20.49 -15.19 -24.59
CA LYS A 46 19.35 -14.52 -23.99
C LYS A 46 19.83 -13.26 -23.29
N GLY A 47 18.88 -12.53 -22.72
CA GLY A 47 19.20 -11.35 -21.93
C GLY A 47 19.56 -11.71 -20.51
N LEU A 48 20.10 -10.71 -19.80
CA LEU A 48 20.49 -10.90 -18.42
C LEU A 48 19.26 -11.05 -17.54
N GLU A 49 19.37 -11.85 -16.49
CA GLU A 49 18.29 -12.09 -15.55
C GLU A 49 18.81 -11.97 -14.13
N TRP A 50 18.02 -11.30 -13.29
CA TRP A 50 18.38 -11.08 -11.90
C TRP A 50 18.03 -12.32 -11.09
N VAL A 51 18.97 -12.75 -10.24
CA VAL A 51 18.85 -14.00 -9.49
C VAL A 51 18.70 -13.73 -8.00
N ALA A 52 19.70 -13.10 -7.38
CA ALA A 52 19.69 -12.93 -5.93
C ALA A 52 20.37 -11.63 -5.55
N SER A 53 20.11 -11.18 -4.32
CA SER A 53 20.68 -9.94 -3.80
C SER A 53 20.92 -10.08 -2.31
N ILE A 54 22.08 -9.61 -1.85
CA ILE A 54 22.41 -9.64 -0.44
C ILE A 54 23.03 -8.31 -0.03
N SER A 55 22.47 -7.70 1.01
CA SER A 55 23.07 -6.54 1.68
C SER A 55 23.58 -7.04 3.02
N SER A 56 24.90 -7.24 3.11
CA SER A 56 25.50 -7.91 4.25
C SER A 56 25.77 -6.99 5.42
N SER A 57 25.44 -5.70 5.32
CA SER A 57 25.69 -4.79 6.42
C SER A 57 25.00 -5.26 7.70
N TYR A 58 23.68 -5.51 7.61
CA TYR A 58 22.92 -6.02 8.74
C TYR A 58 22.26 -7.36 8.45
N GLY A 59 22.50 -7.94 7.27
CA GLY A 59 21.99 -9.26 6.97
C GLY A 59 20.65 -9.30 6.28
N TYR A 60 20.51 -8.59 5.16
CA TYR A 60 19.29 -8.61 4.36
C TYR A 60 19.54 -9.44 3.10
N THR A 61 18.57 -10.29 2.76
CA THR A 61 18.68 -11.15 1.59
C THR A 61 17.36 -11.15 0.83
N SER A 62 17.43 -11.13 -0.49
CA SER A 62 16.25 -11.20 -1.34
C SER A 62 16.55 -12.07 -2.55
N TYR A 63 15.52 -12.77 -3.03
CA TYR A 63 15.67 -13.72 -4.11
C TYR A 63 14.66 -13.45 -5.20
N ALA A 64 15.04 -13.80 -6.43
CA ALA A 64 14.12 -13.72 -7.55
C ALA A 64 12.99 -14.73 -7.39
N ASP A 65 11.80 -14.33 -7.83
CA ASP A 65 10.62 -15.17 -7.62
C ASP A 65 10.78 -16.53 -8.28
N SER A 66 11.56 -16.61 -9.36
CA SER A 66 11.73 -17.87 -10.07
C SER A 66 12.60 -18.87 -9.32
N VAL A 67 13.41 -18.41 -8.36
CA VAL A 67 14.27 -19.32 -7.61
C VAL A 67 14.09 -19.09 -6.11
N LYS A 68 12.95 -18.53 -5.72
CA LYS A 68 12.67 -18.24 -4.32
C LYS A 68 12.31 -19.56 -3.62
N GLY A 69 13.31 -20.28 -3.15
CA GLY A 69 13.09 -21.53 -2.47
C GLY A 69 14.13 -22.59 -2.79
N ARG A 70 15.05 -22.27 -3.70
CA ARG A 70 16.11 -23.20 -4.08
C ARG A 70 17.51 -22.64 -3.94
N PHE A 71 17.67 -21.32 -3.76
CA PHE A 71 18.97 -20.69 -3.68
C PHE A 71 19.15 -20.01 -2.33
N THR A 72 20.39 -19.98 -1.86
CA THR A 72 20.70 -19.32 -0.59
C THR A 72 22.02 -18.58 -0.72
N ILE A 73 22.00 -17.28 -0.45
CA ILE A 73 23.20 -16.45 -0.49
C ILE A 73 23.60 -16.10 0.93
N SER A 74 24.87 -16.31 1.26
CA SER A 74 25.41 -16.05 2.58
C SER A 74 26.63 -15.15 2.46
N ALA A 75 26.72 -14.16 3.33
CA ALA A 75 27.83 -13.23 3.34
C ALA A 75 28.78 -13.56 4.48
N ASP A 76 30.06 -13.72 4.17
CA ASP A 76 31.10 -13.95 5.15
C ASP A 76 31.97 -12.70 5.23
N THR A 77 31.63 -11.80 6.16
CA THR A 77 32.31 -10.51 6.26
C THR A 77 33.72 -10.64 6.82
N SER A 78 34.06 -11.77 7.47
CA SER A 78 35.39 -11.91 8.03
C SER A 78 36.46 -11.85 6.95
N LYS A 79 36.26 -12.56 5.85
CA LYS A 79 37.21 -12.58 4.74
C LYS A 79 36.75 -11.75 3.55
N ASN A 80 35.66 -11.00 3.68
CA ASN A 80 35.17 -10.12 2.61
C ASN A 80 34.86 -10.92 1.34
N THR A 81 33.89 -11.82 1.47
CA THR A 81 33.43 -12.61 0.33
C THR A 81 32.02 -13.08 0.58
N ALA A 82 31.31 -13.44 -0.49
CA ALA A 82 29.96 -13.93 -0.41
C ALA A 82 29.85 -15.24 -1.18
N TYR A 83 28.80 -16.01 -0.88
CA TYR A 83 28.63 -17.32 -1.48
C TYR A 83 27.17 -17.52 -1.87
N LEU A 84 26.97 -18.21 -2.99
CA LEU A 84 25.66 -18.63 -3.46
C LEU A 84 25.64 -20.16 -3.49
N GLN A 85 24.65 -20.74 -2.81
CA GLN A 85 24.44 -22.19 -2.79
C GLN A 85 23.15 -22.49 -3.54
N MET A 86 23.26 -23.30 -4.58
CA MET A 86 22.15 -23.62 -5.46
C MET A 86 21.89 -25.12 -5.40
N ASN A 87 20.65 -25.50 -5.06
CA ASN A 87 20.32 -26.91 -4.93
C ASN A 87 18.99 -27.19 -5.62
N SER A 88 18.82 -28.45 -6.02
CA SER A 88 17.63 -28.87 -6.78
C SER A 88 17.62 -28.20 -8.15
N LEU A 89 18.78 -28.19 -8.80
CA LEU A 89 18.91 -27.54 -10.10
C LEU A 89 17.97 -28.17 -11.12
N ARG A 90 17.26 -27.34 -11.86
CA ARG A 90 16.42 -27.79 -12.95
C ARG A 90 17.26 -27.87 -14.23
N ALA A 91 16.60 -28.08 -15.37
CA ALA A 91 17.29 -28.19 -16.64
C ALA A 91 17.48 -26.84 -17.33
N GLU A 92 16.85 -25.77 -16.84
CA GLU A 92 16.93 -24.47 -17.47
C GLU A 92 17.85 -23.50 -16.71
N ASP A 93 18.50 -23.96 -15.65
CA ASP A 93 19.34 -23.08 -14.84
C ASP A 93 20.79 -23.06 -15.29
N THR A 94 21.13 -23.73 -16.39
CA THR A 94 22.49 -23.66 -16.91
C THR A 94 22.72 -22.29 -17.55
N ALA A 95 23.75 -21.58 -17.08
CA ALA A 95 23.99 -20.23 -17.57
C ALA A 95 25.28 -19.65 -17.01
N VAL A 96 25.58 -18.40 -17.36
CA VAL A 96 26.72 -17.68 -16.82
C VAL A 96 26.23 -16.75 -15.72
N TYR A 97 26.90 -16.77 -14.58
CA TYR A 97 26.52 -15.99 -13.41
C TYR A 97 27.55 -14.90 -13.17
N TYR A 98 27.07 -13.68 -12.99
CA TYR A 98 27.90 -12.52 -12.70
C TYR A 98 27.57 -11.98 -11.30
N CYS A 99 28.54 -11.30 -10.71
CA CYS A 99 28.41 -10.72 -9.38
C CYS A 99 28.62 -9.22 -9.52
N ALA A 100 27.58 -8.44 -9.26
CA ALA A 100 27.61 -7.00 -9.44
C ALA A 100 27.41 -6.27 -8.12
N ARG A 101 28.12 -5.16 -7.96
CA ARG A 101 28.08 -4.37 -6.74
C ARG A 101 27.06 -3.25 -6.88
N SER A 102 26.56 -2.77 -5.74
CA SER A 102 25.64 -1.63 -5.73
C SER A 102 25.52 -1.14 -4.30
N SER A 103 24.74 -0.08 -4.11
CA SER A 103 24.58 0.50 -2.79
C SER A 103 23.84 -0.45 -1.86
N SER A 104 24.11 -0.33 -0.56
CA SER A 104 23.47 -1.17 0.42
C SER A 104 21.97 -0.91 0.45
N VAL A 105 21.21 -1.95 0.80
CA VAL A 105 19.75 -1.85 0.74
C VAL A 105 19.24 -0.85 1.76
N TYR A 106 19.84 -0.83 2.96
CA TYR A 106 19.36 0.07 4.01
C TYR A 106 19.52 1.53 3.60
N TRP A 107 20.58 1.83 2.85
CA TRP A 107 20.78 3.16 2.26
C TRP A 107 20.26 3.23 0.83
N SER A 108 19.30 2.37 0.48
CA SER A 108 18.78 2.34 -0.88
C SER A 108 18.28 3.73 -1.26
N TRP A 109 17.25 4.23 -0.56
CA TRP A 109 17.00 5.65 -0.55
C TRP A 109 16.84 6.24 -1.96
N TRP A 110 15.68 6.02 -2.57
CA TRP A 110 15.42 6.38 -3.96
C TRP A 110 15.84 5.28 -4.93
N GLY A 111 16.12 4.09 -4.41
CA GLY A 111 16.27 2.93 -5.27
C GLY A 111 17.72 2.47 -5.39
N TYR A 112 17.86 1.21 -5.77
CA TYR A 112 19.19 0.61 -5.91
C TYR A 112 20.05 1.41 -6.87
N SER A 113 21.34 1.50 -6.56
CA SER A 113 22.27 2.13 -7.47
C SER A 113 22.64 1.15 -8.59
N ALA A 114 23.14 1.69 -9.69
CA ALA A 114 23.49 0.88 -10.84
C ALA A 114 24.68 -0.01 -10.53
N PHE A 115 24.72 -1.18 -11.17
CA PHE A 115 25.80 -2.14 -10.94
C PHE A 115 27.07 -1.65 -11.62
N ASP A 116 27.81 -0.78 -10.94
CA ASP A 116 29.00 -0.18 -11.54
C ASP A 116 30.08 -1.21 -11.83
N TYR A 117 30.39 -2.07 -10.87
CA TYR A 117 31.49 -3.02 -10.98
C TYR A 117 30.93 -4.43 -11.13
N TRP A 118 31.32 -5.11 -12.20
CA TRP A 118 30.87 -6.46 -12.50
C TRP A 118 32.04 -7.44 -12.44
N GLY A 119 31.72 -8.70 -12.17
CA GLY A 119 32.71 -9.74 -12.14
C GLY A 119 32.96 -10.34 -13.51
N GLN A 120 33.92 -11.27 -13.57
CA GLN A 120 34.23 -11.93 -14.83
C GLN A 120 33.08 -12.82 -15.29
N GLY A 121 32.39 -13.47 -14.36
CA GLY A 121 31.31 -14.37 -14.71
C GLY A 121 31.77 -15.81 -14.81
N THR A 122 31.01 -16.72 -14.22
CA THR A 122 31.35 -18.14 -14.21
C THR A 122 30.21 -18.95 -14.81
N LEU A 123 30.56 -19.96 -15.60
CA LEU A 123 29.57 -20.77 -16.30
C LEU A 123 29.27 -22.03 -15.50
N VAL A 124 27.98 -22.30 -15.30
CA VAL A 124 27.52 -23.51 -14.63
C VAL A 124 26.51 -24.20 -15.53
N THR A 125 26.70 -25.50 -15.73
CA THR A 125 25.87 -26.27 -16.64
C THR A 125 25.37 -27.53 -15.94
N VAL A 126 24.12 -27.89 -16.25
CA VAL A 126 23.49 -29.11 -15.75
C VAL A 126 23.32 -30.04 -16.94
N SER A 127 23.93 -31.22 -16.87
CA SER A 127 23.87 -32.17 -17.97
C SER A 127 23.71 -33.57 -17.40
N SER A 128 23.15 -34.46 -18.21
CA SER A 128 22.92 -35.85 -17.82
C SER A 128 23.67 -36.83 -18.71
N ALA A 129 24.70 -36.36 -19.42
CA ALA A 129 25.48 -37.20 -20.31
C ALA A 129 26.94 -37.22 -19.86
N SER A 130 27.60 -38.34 -20.11
CA SER A 130 29.00 -38.48 -19.76
C SER A 130 29.89 -37.72 -20.74
N THR A 131 31.10 -37.40 -20.29
CA THR A 131 32.08 -36.70 -21.10
C THR A 131 32.83 -37.71 -21.95
N LYS A 132 32.59 -37.69 -23.26
CA LYS A 132 33.23 -38.64 -24.16
C LYS A 132 33.57 -37.95 -25.47
N GLY A 133 34.58 -38.47 -26.15
CA GLY A 133 35.04 -37.90 -27.39
C GLY A 133 34.00 -38.01 -28.48
N PRO A 134 34.03 -37.06 -29.43
CA PRO A 134 33.02 -37.05 -30.49
C PRO A 134 33.41 -37.90 -31.68
N SER A 135 32.55 -37.92 -32.69
CA SER A 135 32.80 -38.60 -33.95
C SER A 135 32.92 -37.57 -35.05
N VAL A 136 33.95 -37.72 -35.90
CA VAL A 136 34.22 -36.80 -36.99
C VAL A 136 33.84 -37.48 -38.30
N PHE A 137 33.08 -36.77 -39.13
CA PHE A 137 32.60 -37.26 -40.40
C PHE A 137 33.04 -36.34 -41.52
N PRO A 138 33.69 -36.87 -42.56
CA PRO A 138 34.07 -36.03 -43.70
C PRO A 138 32.84 -35.55 -44.46
N LEU A 139 33.00 -34.41 -45.13
CA LEU A 139 31.91 -33.81 -45.89
C LEU A 139 32.54 -33.12 -47.09
N ALA A 140 32.57 -33.80 -48.23
CA ALA A 140 33.22 -33.26 -49.40
C ALA A 140 32.19 -32.95 -50.48
N PRO A 141 32.43 -31.90 -51.28
CA PRO A 141 31.50 -31.61 -52.37
C PRO A 141 31.52 -32.70 -53.42
N SER A 142 30.38 -32.92 -54.06
CA SER A 142 30.29 -33.93 -55.09
C SER A 142 31.17 -33.54 -56.28
N SER A 143 31.95 -34.51 -56.77
CA SER A 143 32.83 -34.25 -57.89
C SER A 143 32.07 -34.02 -59.19
N LYS A 144 30.80 -34.43 -59.25
CA LYS A 144 29.97 -34.22 -60.42
C LYS A 144 29.16 -32.93 -60.36
N SER A 145 29.28 -32.17 -59.27
CA SER A 145 28.54 -30.92 -59.10
C SER A 145 29.52 -29.80 -58.79
N THR A 146 29.38 -28.68 -59.51
CA THR A 146 30.23 -27.51 -59.32
C THR A 146 31.71 -27.89 -59.39
N SER A 147 32.09 -28.53 -60.50
CA SER A 147 33.45 -28.99 -60.73
C SER A 147 34.19 -27.97 -61.58
N GLY A 148 35.34 -27.50 -61.10
CA GLY A 148 36.19 -26.55 -61.80
C GLY A 148 36.11 -25.15 -61.24
N GLY A 149 35.02 -24.82 -60.54
CA GLY A 149 34.86 -23.49 -59.98
C GLY A 149 34.86 -23.49 -58.46
N THR A 150 33.80 -22.94 -57.88
CA THR A 150 33.69 -22.89 -56.42
C THR A 150 33.55 -24.30 -55.85
N ALA A 151 34.29 -24.56 -54.78
CA ALA A 151 34.24 -25.85 -54.10
C ALA A 151 34.64 -25.67 -52.65
N ALA A 152 33.97 -26.41 -51.77
CA ALA A 152 34.25 -26.33 -50.34
C ALA A 152 34.05 -27.70 -49.72
N LEU A 153 34.96 -28.08 -48.82
CA LEU A 153 34.87 -29.35 -48.12
C LEU A 153 35.25 -29.13 -46.67
N GLY A 154 34.84 -30.07 -45.83
CA GLY A 154 35.11 -29.93 -44.40
C GLY A 154 34.78 -31.19 -43.65
N CYS A 155 34.53 -31.00 -42.34
CA CYS A 155 34.24 -32.11 -41.45
C CYS A 155 33.19 -31.69 -40.43
N LEU A 156 32.35 -32.64 -40.04
CA LEU A 156 31.30 -32.44 -39.05
C LEU A 156 31.62 -33.25 -37.82
N VAL A 157 31.62 -32.60 -36.66
CA VAL A 157 31.88 -33.25 -35.38
C VAL A 157 30.57 -33.37 -34.62
N LYS A 158 30.28 -34.57 -34.12
CA LYS A 158 29.03 -34.84 -33.43
C LYS A 158 29.31 -35.55 -32.11
N ASP A 159 28.44 -35.30 -31.13
CA ASP A 159 28.54 -35.92 -29.81
C ASP A 159 29.89 -35.64 -29.16
N TYR A 160 30.16 -34.35 -28.96
CA TYR A 160 31.36 -33.91 -28.26
C TYR A 160 30.96 -33.16 -26.99
N PHE A 161 31.73 -33.41 -25.92
CA PHE A 161 31.44 -32.83 -24.61
C PHE A 161 32.76 -32.75 -23.84
N PRO A 162 33.04 -31.63 -23.18
CA PRO A 162 32.20 -30.43 -23.12
C PRO A 162 32.13 -29.67 -24.45
N GLU A 163 31.67 -28.42 -24.37
CA GLU A 163 31.51 -27.60 -25.56
C GLU A 163 32.81 -27.34 -26.33
N PRO A 164 33.94 -27.00 -25.69
CA PRO A 164 35.07 -26.47 -26.45
C PRO A 164 35.88 -27.53 -27.18
N VAL A 165 35.81 -27.49 -28.50
CA VAL A 165 36.62 -28.36 -29.35
C VAL A 165 37.15 -27.52 -30.51
N THR A 166 38.44 -27.67 -30.80
CA THR A 166 39.11 -26.87 -31.80
C THR A 166 39.30 -27.67 -33.08
N VAL A 167 39.03 -27.03 -34.21
CA VAL A 167 39.12 -27.66 -35.53
C VAL A 167 40.33 -27.07 -36.25
N SER A 168 41.24 -27.94 -36.66
CA SER A 168 42.46 -27.55 -37.36
C SER A 168 42.44 -28.12 -38.78
N TRP A 169 42.79 -27.28 -39.74
CA TRP A 169 42.81 -27.66 -41.14
C TRP A 169 44.25 -27.91 -41.58
N ASN A 170 44.51 -29.10 -42.12
CA ASN A 170 45.82 -29.49 -42.63
C ASN A 170 46.96 -28.91 -41.80
N SER A 171 46.83 -29.06 -40.48
CA SER A 171 47.77 -28.49 -39.53
C SER A 171 47.75 -26.97 -39.57
N GLY A 172 46.61 -26.38 -39.89
CA GLY A 172 46.49 -24.94 -39.95
C GLY A 172 47.15 -24.30 -41.14
N ALA A 173 47.57 -25.08 -42.13
CA ALA A 173 48.26 -24.52 -43.29
C ALA A 173 47.34 -23.62 -44.10
N LEU A 174 46.02 -23.86 -44.04
CA LEU A 174 45.05 -23.09 -44.79
C LEU A 174 44.07 -22.43 -43.83
N THR A 175 43.85 -21.13 -44.01
CA THR A 175 42.90 -20.39 -43.19
C THR A 175 41.91 -19.56 -44.00
N SER A 176 42.05 -19.49 -45.31
CA SER A 176 41.11 -18.74 -46.14
C SER A 176 39.78 -19.48 -46.24
N GLY A 177 38.69 -18.72 -46.18
CA GLY A 177 37.37 -19.32 -46.29
C GLY A 177 37.07 -20.34 -45.21
N VAL A 178 37.48 -20.06 -43.98
CA VAL A 178 37.25 -20.95 -42.85
C VAL A 178 36.00 -20.48 -42.12
N HIS A 179 35.02 -21.37 -41.98
CA HIS A 179 33.76 -21.04 -41.34
C HIS A 179 33.40 -22.14 -40.34
N THR A 180 33.44 -21.80 -39.06
CA THR A 180 33.09 -22.72 -37.98
C THR A 180 31.82 -22.23 -37.32
N PHE A 181 30.75 -23.02 -37.43
CA PHE A 181 29.48 -22.62 -36.85
C PHE A 181 29.51 -22.75 -35.33
N PRO A 182 28.69 -21.98 -34.63
CA PRO A 182 28.66 -22.07 -33.17
C PRO A 182 28.15 -23.43 -32.71
N ALA A 183 28.65 -23.87 -31.55
CA ALA A 183 28.20 -25.12 -30.97
C ALA A 183 26.70 -25.07 -30.71
N VAL A 184 26.01 -26.14 -31.10
CA VAL A 184 24.55 -26.22 -30.99
C VAL A 184 24.20 -27.48 -30.22
N LEU A 185 23.33 -27.35 -29.22
CA LEU A 185 22.86 -28.46 -28.42
C LEU A 185 21.33 -28.52 -28.49
N GLN A 186 20.79 -29.71 -28.76
CA GLN A 186 19.36 -29.91 -28.80
C GLN A 186 18.90 -30.61 -27.52
N SER A 187 17.60 -30.91 -27.45
CA SER A 187 17.05 -31.56 -26.27
C SER A 187 17.61 -32.95 -26.05
N SER A 188 18.22 -33.54 -27.08
CA SER A 188 18.79 -34.88 -26.96
C SER A 188 20.12 -34.90 -26.23
N GLY A 189 20.65 -33.74 -25.87
CA GLY A 189 21.96 -33.69 -25.24
C GLY A 189 23.11 -33.94 -26.18
N LEU A 190 22.99 -33.52 -27.44
CA LEU A 190 24.02 -33.73 -28.45
C LEU A 190 24.59 -32.39 -28.89
N TYR A 191 25.88 -32.40 -29.19
CA TYR A 191 26.58 -31.24 -29.73
C TYR A 191 27.02 -31.52 -31.15
N SER A 192 26.68 -30.62 -32.06
CA SER A 192 27.03 -30.77 -33.46
C SER A 192 27.69 -29.50 -33.98
N LEU A 193 28.74 -29.68 -34.78
CA LEU A 193 29.45 -28.54 -35.34
C LEU A 193 29.99 -28.94 -36.70
N SER A 194 30.22 -27.93 -37.55
CA SER A 194 30.78 -28.16 -38.87
C SER A 194 31.89 -27.16 -39.13
N SER A 195 32.94 -27.62 -39.80
CA SER A 195 34.06 -26.76 -40.18
C SER A 195 34.39 -27.05 -41.63
N VAL A 196 34.20 -26.06 -42.50
CA VAL A 196 34.34 -26.23 -43.95
C VAL A 196 35.17 -25.09 -44.50
N VAL A 197 36.06 -25.39 -45.43
CA VAL A 197 36.87 -24.41 -46.12
C VAL A 197 36.71 -24.61 -47.63
N THR A 198 36.77 -23.53 -48.39
CA THR A 198 36.64 -23.59 -49.83
C THR A 198 37.84 -24.29 -50.42
N VAL A 199 37.67 -25.54 -50.82
CA VAL A 199 38.79 -26.30 -51.37
C VAL A 199 39.24 -25.67 -52.68
N PRO A 200 40.54 -25.63 -52.99
CA PRO A 200 40.97 -25.04 -54.26
C PRO A 200 40.65 -25.94 -55.44
N SER A 201 40.90 -25.44 -56.65
CA SER A 201 40.63 -26.18 -57.87
C SER A 201 41.80 -27.12 -58.18
N SER A 202 41.83 -27.67 -59.40
CA SER A 202 42.88 -28.58 -59.81
C SER A 202 42.86 -29.86 -58.98
N SER A 203 41.73 -30.57 -58.97
CA SER A 203 41.61 -31.84 -58.28
C SER A 203 41.90 -31.70 -56.79
N LEU A 204 41.37 -30.64 -56.18
CA LEU A 204 41.51 -30.40 -54.74
C LEU A 204 42.96 -30.15 -54.35
N GLY A 205 43.82 -29.78 -55.30
CA GLY A 205 45.22 -29.55 -55.00
C GLY A 205 46.05 -30.81 -54.80
N THR A 206 45.51 -31.97 -55.15
CA THR A 206 46.20 -33.26 -55.00
C THR A 206 46.92 -33.35 -53.65
N GLN A 207 46.20 -33.00 -52.59
CA GLN A 207 46.72 -33.04 -51.23
C GLN A 207 45.73 -33.78 -50.34
N THR A 208 46.26 -34.66 -49.49
CA THR A 208 45.45 -35.44 -48.56
C THR A 208 45.06 -34.52 -47.40
N TYR A 209 43.92 -33.86 -47.54
CA TYR A 209 43.45 -32.95 -46.51
C TYR A 209 43.12 -33.69 -45.23
N ILE A 210 43.30 -33.02 -44.10
CA ILE A 210 43.10 -33.62 -42.79
C ILE A 210 42.33 -32.65 -41.90
N CYS A 211 41.44 -33.21 -41.10
CA CYS A 211 40.73 -32.48 -40.07
C CYS A 211 41.26 -32.91 -38.71
N ASN A 212 41.62 -31.94 -37.88
CA ASN A 212 42.14 -32.21 -36.55
C ASN A 212 41.14 -31.72 -35.52
N VAL A 213 40.69 -32.61 -34.66
CA VAL A 213 39.78 -32.27 -33.57
C VAL A 213 40.58 -32.32 -32.27
N ASN A 214 40.70 -31.17 -31.61
CA ASN A 214 41.44 -31.05 -30.37
C ASN A 214 40.45 -30.78 -29.24
N HIS A 215 40.39 -31.70 -28.28
CA HIS A 215 39.47 -31.61 -27.15
C HIS A 215 40.27 -31.88 -25.88
N LYS A 216 40.78 -30.79 -25.29
CA LYS A 216 41.67 -30.94 -24.13
C LYS A 216 41.06 -31.73 -22.98
N PRO A 217 39.80 -31.54 -22.58
CA PRO A 217 39.28 -32.32 -21.46
C PRO A 217 39.30 -33.82 -21.66
N SER A 218 39.08 -34.28 -22.89
CA SER A 218 39.25 -35.69 -23.24
C SER A 218 40.60 -35.97 -23.88
N ASN A 219 41.42 -34.94 -24.11
CA ASN A 219 42.74 -35.11 -24.72
C ASN A 219 42.65 -35.86 -26.04
N THR A 220 41.60 -35.57 -26.82
CA THR A 220 41.37 -36.24 -28.09
C THR A 220 41.93 -35.37 -29.21
N LYS A 221 42.89 -35.89 -29.96
CA LYS A 221 43.53 -35.18 -31.06
C LYS A 221 43.59 -36.08 -32.29
N VAL A 222 42.52 -36.83 -32.55
CA VAL A 222 42.49 -37.71 -33.70
C VAL A 222 42.39 -36.89 -34.99
N ASP A 223 43.02 -37.39 -36.04
CA ASP A 223 43.00 -36.74 -37.35
C ASP A 223 42.20 -37.59 -38.33
N LYS A 224 41.27 -36.95 -39.03
CA LYS A 224 40.41 -37.61 -39.99
C LYS A 224 40.81 -37.20 -41.41
N LYS A 225 40.96 -38.20 -42.28
CA LYS A 225 41.32 -37.95 -43.66
C LYS A 225 40.13 -37.36 -44.42
N VAL A 226 40.44 -36.66 -45.52
CA VAL A 226 39.44 -36.13 -46.42
C VAL A 226 39.75 -36.61 -47.82
N GLU A 227 38.79 -37.26 -48.46
CA GLU A 227 38.97 -37.85 -49.78
C GLU A 227 37.84 -37.41 -50.70
N PRO A 228 38.07 -37.46 -52.02
CA PRO A 228 37.02 -37.08 -52.95
C PRO A 228 36.09 -38.24 -53.26
N LYS A 229 34.91 -37.90 -53.76
CA LYS A 229 33.90 -38.90 -54.08
C LYS A 229 34.39 -39.87 -55.16
N GLN B 3 -5.35 -11.73 -52.50
CA GLN B 3 -5.77 -10.77 -53.52
C GLN B 3 -5.25 -9.36 -53.20
N VAL B 4 -4.45 -8.81 -54.12
CA VAL B 4 -3.89 -7.48 -53.98
C VAL B 4 -3.73 -6.87 -55.37
N GLN B 5 -3.60 -5.54 -55.39
CA GLN B 5 -3.36 -4.82 -56.63
C GLN B 5 -2.67 -3.50 -56.32
N LEU B 6 -1.85 -3.05 -57.27
CA LEU B 6 -1.09 -1.82 -57.10
C LEU B 6 -0.97 -1.13 -58.44
N GLN B 7 -0.80 0.19 -58.39
CA GLN B 7 -0.68 1.02 -59.59
C GLN B 7 0.51 1.96 -59.41
N GLU B 8 0.82 2.69 -60.48
CA GLU B 8 1.96 3.60 -60.49
C GLU B 8 1.50 4.99 -60.92
N SER B 9 2.43 5.94 -60.83
CA SER B 9 2.15 7.31 -61.22
C SER B 9 3.29 7.89 -62.05
N GLY B 10 3.21 9.17 -62.37
CA GLY B 10 4.25 9.82 -63.15
C GLY B 10 4.07 9.62 -64.65
N GLY B 11 5.04 10.12 -65.39
CA GLY B 11 5.02 10.02 -66.84
C GLY B 11 5.90 11.10 -67.45
N GLY B 12 5.63 11.39 -68.72
CA GLY B 12 6.37 12.39 -69.44
C GLY B 12 7.57 11.82 -70.17
N LEU B 13 8.27 12.71 -70.87
CA LEU B 13 9.45 12.34 -71.65
C LEU B 13 10.68 12.52 -70.77
N VAL B 14 11.36 11.41 -70.46
CA VAL B 14 12.55 11.47 -69.63
C VAL B 14 13.79 11.66 -70.51
N GLN B 15 14.82 12.26 -69.92
CA GLN B 15 16.07 12.50 -70.63
C GLN B 15 17.22 11.81 -69.93
N PRO B 16 18.16 11.23 -70.68
CA PRO B 16 19.26 10.48 -70.05
C PRO B 16 20.09 11.38 -69.14
N GLY B 17 20.57 10.79 -68.04
CA GLY B 17 21.42 11.49 -67.11
C GLY B 17 20.70 12.32 -66.07
N GLY B 18 19.37 12.33 -66.08
CA GLY B 18 18.60 13.13 -65.16
C GLY B 18 18.12 12.35 -63.96
N SER B 19 16.98 12.79 -63.41
CA SER B 19 16.38 12.18 -62.24
C SER B 19 14.94 11.82 -62.55
N LEU B 20 14.46 10.74 -61.92
CA LEU B 20 13.08 10.30 -62.09
C LEU B 20 12.43 10.17 -60.72
N ARG B 21 11.11 10.34 -60.72
CA ARG B 21 10.32 10.48 -59.50
C ARG B 21 9.23 9.41 -59.59
N LEU B 22 9.56 8.20 -59.17
CA LEU B 22 8.64 7.07 -59.35
C LEU B 22 7.75 6.90 -58.12
N SER B 23 6.59 6.30 -58.34
CA SER B 23 5.65 6.04 -57.25
C SER B 23 4.89 4.75 -57.51
N CYS B 24 4.64 4.00 -56.44
CA CYS B 24 3.82 2.80 -56.49
C CYS B 24 2.88 2.80 -55.29
N ALA B 25 1.57 2.67 -55.55
CA ALA B 25 0.57 2.74 -54.50
C ALA B 25 -0.37 1.55 -54.62
N ALA B 26 -0.59 0.86 -53.50
CA ALA B 26 -1.51 -0.27 -53.46
C ALA B 26 -2.95 0.24 -53.34
N SER B 27 -3.87 -0.54 -53.89
CA SER B 27 -5.29 -0.21 -53.88
C SER B 27 -6.09 -1.37 -53.34
N GLY B 28 -7.07 -1.06 -52.49
CA GLY B 28 -7.93 -2.06 -51.89
C GLY B 28 -7.43 -2.65 -50.60
N ARG B 29 -6.19 -2.34 -50.19
CA ARG B 29 -5.64 -2.86 -48.96
C ARG B 29 -4.58 -1.89 -48.45
N THR B 30 -4.37 -1.91 -47.13
CA THR B 30 -3.32 -1.11 -46.52
C THR B 30 -1.95 -1.72 -46.82
N ILE B 31 -0.91 -0.95 -46.53
CA ILE B 31 0.47 -1.38 -46.76
C ILE B 31 1.34 -1.24 -45.53
N SER B 32 0.84 -0.61 -44.46
CA SER B 32 1.68 -0.40 -43.27
C SER B 32 2.12 -1.72 -42.65
N ARG B 33 1.21 -2.68 -42.54
CA ARG B 33 1.54 -3.94 -41.87
C ARG B 33 2.65 -4.69 -42.60
N TYR B 34 2.59 -4.74 -43.92
CA TYR B 34 3.60 -5.45 -44.69
C TYR B 34 4.68 -4.47 -45.17
N ALA B 35 5.73 -5.01 -45.77
CA ALA B 35 6.83 -4.24 -46.30
C ALA B 35 6.68 -4.08 -47.81
N MET B 36 7.48 -3.17 -48.37
CA MET B 36 7.46 -2.90 -49.80
C MET B 36 8.86 -3.07 -50.37
N SER B 37 8.93 -3.47 -51.63
CA SER B 37 10.22 -3.62 -52.32
C SER B 37 10.09 -3.11 -53.75
N TRP B 38 11.23 -2.74 -54.31
CA TRP B 38 11.35 -2.39 -55.72
C TRP B 38 12.29 -3.40 -56.37
N PHE B 39 11.82 -4.06 -57.41
CA PHE B 39 12.58 -5.10 -58.10
C PHE B 39 12.82 -4.70 -59.55
N ARG B 40 13.91 -5.22 -60.12
CA ARG B 40 14.29 -4.94 -61.49
C ARG B 40 14.21 -6.21 -62.32
N GLN B 41 13.51 -6.13 -63.44
CA GLN B 41 13.37 -7.24 -64.38
C GLN B 41 14.09 -6.87 -65.66
N ALA B 42 15.02 -7.72 -66.08
CA ALA B 42 15.81 -7.47 -67.28
C ALA B 42 15.84 -8.72 -68.14
N PRO B 43 16.01 -8.57 -69.45
CA PRO B 43 16.09 -9.74 -70.33
C PRO B 43 17.25 -10.64 -69.95
N GLY B 44 17.03 -11.95 -70.07
CA GLY B 44 18.06 -12.91 -69.74
C GLY B 44 18.12 -13.26 -68.27
N LYS B 45 18.17 -12.23 -67.41
CA LYS B 45 18.24 -12.45 -65.96
C LYS B 45 17.36 -11.40 -65.30
N GLU B 46 16.22 -11.84 -64.77
CA GLU B 46 15.27 -10.99 -64.08
C GLU B 46 15.04 -11.51 -62.66
N ARG B 47 14.09 -10.89 -61.97
CA ARG B 47 13.72 -11.31 -60.62
C ARG B 47 14.87 -11.11 -59.63
N GLU B 48 15.43 -9.90 -59.64
CA GLU B 48 16.55 -9.56 -58.78
C GLU B 48 16.16 -8.40 -57.87
N PHE B 49 16.54 -8.49 -56.60
CA PHE B 49 16.21 -7.46 -55.63
C PHE B 49 16.90 -6.14 -55.97
N VAL B 50 16.21 -5.04 -55.71
CA VAL B 50 16.76 -3.71 -55.95
C VAL B 50 16.75 -2.91 -54.66
N ALA B 51 15.57 -2.71 -54.09
CA ALA B 51 15.44 -1.92 -52.87
C ALA B 51 14.30 -2.47 -52.02
N VAL B 52 14.33 -2.14 -50.74
CA VAL B 52 13.32 -2.62 -49.80
C VAL B 52 13.18 -1.63 -48.65
N ALA B 53 11.93 -1.40 -48.23
CA ALA B 53 11.61 -0.61 -47.04
C ALA B 53 10.56 -1.38 -46.25
N ARG B 54 10.70 -1.40 -44.93
CA ARG B 54 9.89 -2.32 -44.14
C ARG B 54 8.49 -1.77 -43.86
N ARG B 55 8.39 -0.73 -43.03
CA ARG B 55 7.05 -0.20 -42.81
C ARG B 55 6.94 1.31 -42.94
N SER B 56 7.91 2.06 -42.40
CA SER B 56 7.83 3.52 -42.46
C SER B 56 9.14 4.21 -42.80
N GLY B 57 10.28 3.51 -42.79
CA GLY B 57 11.56 4.17 -42.99
C GLY B 57 12.54 3.95 -41.86
N ASP B 58 12.37 2.85 -41.13
CA ASP B 58 13.32 2.47 -40.09
C ASP B 58 14.60 1.86 -40.67
N GLY B 59 14.85 2.08 -41.95
CA GLY B 59 16.00 1.53 -42.63
C GLY B 59 15.64 1.05 -44.01
N ALA B 60 16.32 1.57 -45.02
CA ALA B 60 16.05 1.23 -46.42
C ALA B 60 17.25 0.49 -46.98
N PHE B 61 17.02 -0.66 -47.58
CA PHE B 61 18.09 -1.49 -48.13
C PHE B 61 18.12 -1.35 -49.65
N TYR B 62 19.32 -1.12 -50.18
CA TYR B 62 19.52 -0.98 -51.61
C TYR B 62 20.57 -1.97 -52.09
N ALA B 63 20.44 -2.40 -53.34
CA ALA B 63 21.40 -3.32 -53.92
C ALA B 63 22.75 -2.64 -54.10
N ASP B 64 23.78 -3.45 -54.33
CA ASP B 64 25.13 -2.94 -54.46
C ASP B 64 25.25 -1.93 -55.60
N SER B 65 24.51 -2.15 -56.70
CA SER B 65 24.62 -1.30 -57.87
C SER B 65 23.76 -0.04 -57.78
N VAL B 66 22.91 0.08 -56.77
CA VAL B 66 22.05 1.25 -56.64
C VAL B 66 22.21 1.86 -55.25
N GLN B 67 23.39 1.67 -54.65
CA GLN B 67 23.66 2.22 -53.33
C GLN B 67 23.99 3.70 -53.46
N GLY B 68 23.06 4.55 -53.05
CA GLY B 68 23.21 5.98 -53.14
C GLY B 68 22.60 6.63 -54.35
N ARG B 69 22.43 5.88 -55.45
CA ARG B 69 21.78 6.44 -56.64
C ARG B 69 20.26 6.48 -56.48
N PHE B 70 19.68 5.49 -55.81
CA PHE B 70 18.24 5.39 -55.62
C PHE B 70 17.91 5.58 -54.15
N THR B 71 16.80 6.28 -53.87
CA THR B 71 16.34 6.50 -52.51
C THR B 71 14.87 6.12 -52.41
N VAL B 72 14.47 5.56 -51.28
CA VAL B 72 13.11 5.07 -51.07
C VAL B 72 12.47 5.82 -49.91
N SER B 73 11.23 6.25 -50.08
CA SER B 73 10.44 6.85 -49.02
C SER B 73 9.04 6.26 -49.07
N ARG B 74 8.33 6.33 -47.95
CA ARG B 74 6.98 5.79 -47.86
C ARG B 74 6.06 6.79 -47.18
N ASP B 75 4.79 6.76 -47.58
CA ASP B 75 3.75 7.62 -47.01
C ASP B 75 2.55 6.76 -46.68
N ASP B 76 2.28 6.57 -45.38
CA ASP B 76 1.09 5.84 -44.97
C ASP B 76 -0.17 6.65 -45.23
N ALA B 77 -0.10 7.98 -45.13
CA ALA B 77 -1.26 8.81 -45.41
C ALA B 77 -1.75 8.60 -46.83
N LYS B 78 -0.85 8.60 -47.80
CA LYS B 78 -1.18 8.24 -49.17
C LYS B 78 -0.99 6.76 -49.46
N ASN B 79 -0.43 6.00 -48.51
CA ASN B 79 -0.21 4.57 -48.68
C ASN B 79 0.53 4.28 -49.98
N THR B 80 1.62 5.00 -50.20
CA THR B 80 2.39 4.88 -51.44
C THR B 80 3.88 4.95 -51.14
N VAL B 81 4.66 4.23 -51.95
CA VAL B 81 6.12 4.21 -51.84
C VAL B 81 6.68 4.97 -53.03
N TYR B 82 7.53 5.96 -52.75
CA TYR B 82 8.07 6.85 -53.76
C TYR B 82 9.58 6.67 -53.85
N LEU B 83 10.09 6.59 -55.07
CA LEU B 83 11.49 6.31 -55.34
C LEU B 83 12.10 7.51 -56.06
N GLN B 84 13.27 7.93 -55.60
CA GLN B 84 14.05 9.00 -56.21
C GLN B 84 15.21 8.37 -56.96
N MET B 85 15.39 8.74 -58.23
CA MET B 85 16.56 8.29 -58.98
C MET B 85 17.21 9.49 -59.67
N ASN B 86 18.51 9.37 -59.93
CA ASN B 86 19.24 10.43 -60.60
C ASN B 86 20.46 9.84 -61.29
N SER B 87 20.91 10.52 -62.34
CA SER B 87 22.08 10.13 -63.11
C SER B 87 22.02 8.65 -63.48
N LEU B 88 20.94 8.27 -64.15
CA LEU B 88 20.71 6.88 -64.52
C LEU B 88 21.85 6.38 -65.40
N LYS B 89 22.38 5.21 -65.04
CA LYS B 89 23.47 4.61 -65.80
C LYS B 89 22.95 4.01 -67.10
N PRO B 90 23.78 4.02 -68.15
CA PRO B 90 23.32 3.49 -69.45
C PRO B 90 22.87 2.03 -69.37
N GLU B 91 23.44 1.24 -68.46
CA GLU B 91 23.10 -0.16 -68.31
C GLU B 91 21.86 -0.39 -67.45
N ASP B 92 21.02 0.64 -67.29
CA ASP B 92 19.85 0.56 -66.44
C ASP B 92 18.56 0.35 -67.23
N THR B 93 18.63 -0.40 -68.33
CA THR B 93 17.45 -0.68 -69.15
C THR B 93 16.74 -1.91 -68.58
N ALA B 94 15.59 -1.69 -67.96
CA ALA B 94 14.83 -2.78 -67.36
C ALA B 94 13.48 -2.24 -66.90
N VAL B 95 12.68 -3.14 -66.33
CA VAL B 95 11.34 -2.82 -65.85
C VAL B 95 11.35 -2.86 -64.33
N TYR B 96 10.91 -1.77 -63.71
CA TYR B 96 10.81 -1.68 -62.26
C TYR B 96 9.43 -2.12 -61.81
N TYR B 97 9.40 -3.00 -60.81
CA TYR B 97 8.15 -3.53 -60.25
C TYR B 97 8.08 -3.22 -58.78
N CYS B 98 6.91 -2.76 -58.33
CA CYS B 98 6.64 -2.55 -56.91
C CYS B 98 6.08 -3.84 -56.34
N ALA B 99 6.89 -4.54 -55.54
CA ALA B 99 6.54 -5.84 -55.00
C ALA B 99 6.07 -5.72 -53.56
N ILE B 100 4.96 -6.36 -53.26
CA ILE B 100 4.40 -6.44 -51.91
C ILE B 100 4.33 -7.91 -51.52
N ASP B 101 4.85 -8.23 -50.34
CA ASP B 101 4.91 -9.60 -49.84
C ASP B 101 3.65 -9.89 -49.03
N SER B 102 3.01 -11.01 -49.32
CA SER B 102 1.78 -11.41 -48.64
C SER B 102 2.04 -12.10 -47.31
N ASP B 103 3.30 -12.32 -46.94
CA ASP B 103 3.65 -12.95 -45.68
C ASP B 103 3.95 -11.87 -44.64
N THR B 104 3.32 -12.00 -43.46
CA THR B 104 3.50 -11.02 -42.40
C THR B 104 4.82 -11.17 -41.67
N PHE B 105 5.56 -12.25 -41.89
CA PHE B 105 6.82 -12.49 -41.20
C PHE B 105 8.01 -11.83 -41.88
N TYR B 106 7.79 -11.13 -42.99
CA TYR B 106 8.86 -10.43 -43.71
C TYR B 106 9.82 -11.43 -44.36
N SER B 107 9.27 -12.49 -44.96
CA SER B 107 10.08 -13.48 -45.66
C SER B 107 10.23 -13.17 -47.15
N GLY B 108 9.62 -12.09 -47.63
CA GLY B 108 9.73 -11.74 -49.04
C GLY B 108 9.08 -12.73 -49.98
N SER B 109 7.90 -13.23 -49.62
CA SER B 109 7.16 -14.16 -50.48
C SER B 109 6.34 -13.35 -51.48
N TYR B 110 7.04 -12.73 -52.42
CA TYR B 110 6.40 -11.83 -53.37
C TYR B 110 5.73 -12.63 -54.49
N ASP B 111 4.46 -12.30 -54.76
CA ASP B 111 3.71 -13.01 -55.79
C ASP B 111 3.06 -12.01 -56.75
N TYR B 112 2.99 -10.75 -56.35
CA TYR B 112 2.42 -9.69 -57.18
C TYR B 112 3.54 -8.89 -57.82
N TRP B 113 3.44 -8.70 -59.13
CA TRP B 113 4.46 -7.97 -59.89
C TRP B 113 3.92 -6.71 -60.56
N GLY B 114 2.69 -6.74 -61.07
CA GLY B 114 2.11 -5.58 -61.70
C GLY B 114 2.69 -5.30 -63.07
N GLN B 115 2.52 -4.05 -63.51
CA GLN B 115 2.99 -3.62 -64.81
C GLN B 115 4.41 -3.06 -64.78
N GLY B 116 4.75 -2.30 -63.74
CA GLY B 116 6.08 -1.72 -63.64
C GLY B 116 6.26 -0.56 -64.59
N THR B 117 7.49 -0.04 -64.61
CA THR B 117 7.86 1.06 -65.49
C THR B 117 9.14 0.69 -66.22
N GLN B 118 9.16 0.88 -67.53
CA GLN B 118 10.30 0.50 -68.36
C GLN B 118 11.23 1.70 -68.53
N VAL B 119 12.52 1.46 -68.33
CA VAL B 119 13.55 2.48 -68.53
C VAL B 119 14.59 1.91 -69.47
N THR B 120 14.72 2.50 -70.65
CA THR B 120 15.67 2.06 -71.65
C THR B 120 16.50 3.24 -72.13
N VAL B 121 17.82 3.08 -72.16
CA VAL B 121 18.74 4.10 -72.62
C VAL B 121 19.56 3.52 -73.77
N SER B 122 19.59 4.23 -74.88
CA SER B 122 20.33 3.78 -76.06
C SER B 122 21.25 4.89 -76.58
N ASP C 2 8.21 -7.76 -10.87
CA ASP C 2 6.98 -7.83 -11.65
C ASP C 2 6.74 -6.53 -12.41
N ILE C 3 7.81 -5.77 -12.64
CA ILE C 3 7.76 -4.53 -13.39
C ILE C 3 8.58 -4.74 -14.66
N GLN C 4 7.93 -4.59 -15.81
CA GLN C 4 8.50 -4.98 -17.09
C GLN C 4 9.12 -3.78 -17.80
N MET C 5 10.36 -3.93 -18.24
CA MET C 5 11.04 -2.93 -19.06
C MET C 5 11.23 -3.53 -20.45
N THR C 6 10.61 -2.91 -21.45
CA THR C 6 10.62 -3.42 -22.81
C THR C 6 11.39 -2.48 -23.72
N GLN C 7 12.27 -3.04 -24.55
CA GLN C 7 13.02 -2.28 -25.53
C GLN C 7 12.32 -2.39 -26.88
N SER C 8 12.08 -1.25 -27.53
CA SER C 8 11.29 -1.27 -28.76
C SER C 8 12.08 -1.82 -29.94
N PRO C 9 13.24 -1.26 -30.32
CA PRO C 9 13.96 -1.77 -31.51
C PRO C 9 14.79 -3.01 -31.20
N SER C 10 14.12 -4.16 -31.26
CA SER C 10 14.78 -5.42 -30.89
C SER C 10 16.05 -5.64 -31.71
N SER C 11 16.07 -5.14 -32.94
CA SER C 11 17.27 -5.17 -33.76
C SER C 11 17.35 -3.87 -34.54
N LEU C 12 18.54 -3.28 -34.55
CA LEU C 12 18.77 -2.00 -35.22
C LEU C 12 20.10 -2.07 -35.96
N SER C 13 20.11 -1.57 -37.19
CA SER C 13 21.30 -1.57 -38.03
C SER C 13 21.66 -0.13 -38.41
N ALA C 14 22.93 0.23 -38.19
CA ALA C 14 23.41 1.56 -38.53
C ALA C 14 24.86 1.46 -38.96
N SER C 15 25.29 2.45 -39.74
CA SER C 15 26.66 2.50 -40.22
C SER C 15 27.47 3.50 -39.41
N VAL C 16 28.77 3.55 -39.71
CA VAL C 16 29.68 4.41 -38.96
C VAL C 16 29.23 5.87 -39.08
N GLY C 17 29.23 6.58 -37.96
CA GLY C 17 28.93 8.00 -37.95
C GLY C 17 27.46 8.37 -37.92
N ASP C 18 26.56 7.39 -37.91
CA ASP C 18 25.14 7.67 -37.93
C ASP C 18 24.59 7.77 -36.50
N ARG C 19 23.72 8.75 -36.29
CA ARG C 19 23.08 8.91 -34.99
C ARG C 19 22.06 7.81 -34.77
N VAL C 20 22.02 7.27 -33.55
CA VAL C 20 21.14 6.15 -33.23
C VAL C 20 20.39 6.45 -31.95
N THR C 21 19.23 5.80 -31.80
CA THR C 21 18.34 6.04 -30.66
C THR C 21 17.67 4.73 -30.27
N ILE C 22 17.82 4.36 -29.00
CA ILE C 22 17.19 3.17 -28.45
C ILE C 22 16.17 3.60 -27.40
N THR C 23 15.02 2.94 -27.40
CA THR C 23 13.91 3.31 -26.53
C THR C 23 13.65 2.22 -25.50
N CYS C 24 13.10 2.63 -24.36
CA CYS C 24 12.78 1.74 -23.25
C CYS C 24 11.49 2.25 -22.60
N ARG C 25 10.57 1.34 -22.31
CA ARG C 25 9.28 1.71 -21.77
C ARG C 25 8.97 0.86 -20.54
N ALA C 26 8.59 1.52 -19.45
CA ALA C 26 8.30 0.86 -18.19
C ALA C 26 6.79 0.79 -17.97
N SER C 27 6.28 -0.41 -17.71
CA SER C 27 4.85 -0.56 -17.48
C SER C 27 4.41 0.24 -16.25
N GLN C 28 5.19 0.18 -15.18
CA GLN C 28 4.93 0.98 -13.99
C GLN C 28 5.65 2.32 -14.13
N SER C 29 5.76 3.07 -13.04
CA SER C 29 6.24 4.44 -13.11
C SER C 29 7.54 4.65 -12.33
N VAL C 30 8.52 3.76 -12.50
CA VAL C 30 9.84 3.97 -11.94
C VAL C 30 10.29 5.39 -12.29
N SER C 31 10.66 6.17 -11.29
CA SER C 31 10.84 7.61 -11.51
C SER C 31 12.08 7.93 -12.32
N SER C 32 13.27 7.69 -11.76
CA SER C 32 14.52 7.91 -12.47
C SER C 32 15.55 6.85 -12.10
N ALA C 33 15.08 5.65 -11.75
CA ALA C 33 15.95 4.58 -11.27
C ALA C 33 16.39 3.66 -12.40
N VAL C 34 16.47 4.17 -13.62
CA VAL C 34 16.79 3.38 -14.80
C VAL C 34 18.25 3.60 -15.16
N ALA C 35 18.84 2.63 -15.84
CA ALA C 35 20.22 2.69 -16.28
C ALA C 35 20.39 1.93 -17.59
N TRP C 36 21.47 2.25 -18.29
CA TRP C 36 21.78 1.67 -19.59
C TRP C 36 23.18 1.08 -19.56
N TYR C 37 23.28 -0.22 -19.86
CA TYR C 37 24.52 -0.96 -19.88
C TYR C 37 24.84 -1.41 -21.31
N GLN C 38 26.14 -1.55 -21.60
CA GLN C 38 26.61 -2.05 -22.88
C GLN C 38 27.32 -3.37 -22.66
N GLN C 39 26.96 -4.38 -23.46
CA GLN C 39 27.56 -5.69 -23.38
C GLN C 39 28.12 -6.07 -24.74
N LYS C 40 29.43 -6.29 -24.81
CA LYS C 40 29.93 -6.88 -26.04
C LYS C 40 30.08 -8.38 -25.88
N PRO C 41 29.95 -9.16 -26.95
CA PRO C 41 30.04 -10.62 -26.82
C PRO C 41 31.37 -11.06 -26.24
N GLY C 42 31.33 -12.06 -25.35
CA GLY C 42 32.52 -12.63 -24.76
C GLY C 42 33.01 -11.94 -23.51
N LYS C 43 32.37 -10.86 -23.08
CA LYS C 43 32.77 -10.13 -21.89
C LYS C 43 31.56 -9.85 -21.01
N ALA C 44 31.79 -9.13 -19.90
CA ALA C 44 30.75 -8.77 -18.96
C ALA C 44 30.25 -7.35 -19.23
N PRO C 45 28.98 -7.08 -18.91
CA PRO C 45 28.44 -5.74 -19.17
C PRO C 45 29.19 -4.68 -18.38
N LYS C 46 29.03 -3.44 -18.83
CA LYS C 46 29.59 -2.28 -18.14
C LYS C 46 28.56 -1.17 -18.11
N LEU C 47 28.66 -0.30 -17.12
CA LEU C 47 27.73 0.81 -17.01
C LEU C 47 28.01 1.86 -18.07
N LEU C 48 26.95 2.41 -18.64
CA LEU C 48 27.05 3.53 -19.57
C LEU C 48 26.26 4.74 -19.11
N ILE C 49 25.06 4.55 -18.57
CA ILE C 49 24.28 5.66 -18.03
C ILE C 49 23.57 5.19 -16.77
N TYR C 50 23.57 6.04 -15.75
CA TYR C 50 22.84 5.77 -14.51
C TYR C 50 21.92 6.92 -14.20
N SER C 51 20.70 6.59 -13.77
CA SER C 51 19.63 7.53 -13.50
C SER C 51 18.98 8.06 -14.76
N ALA C 52 19.31 7.49 -15.92
CA ALA C 52 18.65 7.82 -17.18
C ALA C 52 19.07 9.17 -17.71
N SER C 53 19.86 9.92 -16.95
CA SER C 53 20.31 11.24 -17.37
C SER C 53 21.79 11.52 -17.14
N SER C 54 22.49 10.74 -16.32
CA SER C 54 23.88 11.01 -15.98
C SER C 54 24.79 10.04 -16.70
N LEU C 55 25.95 10.53 -17.12
CA LEU C 55 26.94 9.71 -17.81
C LEU C 55 27.98 9.21 -16.82
N TYR C 56 28.13 7.89 -16.74
CA TYR C 56 29.09 7.29 -15.81
C TYR C 56 30.49 7.83 -16.09
N SER C 57 31.28 7.98 -15.04
CA SER C 57 32.61 8.56 -15.16
C SER C 57 33.55 7.62 -15.89
N GLY C 58 33.96 8.00 -17.10
CA GLY C 58 34.91 7.22 -17.86
C GLY C 58 34.48 6.92 -19.27
N VAL C 59 33.19 6.68 -19.48
CA VAL C 59 32.65 6.34 -20.79
C VAL C 59 32.69 7.58 -21.69
N PRO C 60 32.80 7.41 -23.00
CA PRO C 60 32.86 8.59 -23.89
C PRO C 60 31.61 9.44 -23.75
N SER C 61 31.79 10.75 -23.91
CA SER C 61 30.71 11.71 -23.75
C SER C 61 29.68 11.68 -24.87
N ARG C 62 29.93 10.95 -25.95
CA ARG C 62 28.99 10.94 -27.06
C ARG C 62 27.63 10.37 -26.64
N PHE C 63 27.64 9.32 -25.83
CA PHE C 63 26.39 8.73 -25.37
C PHE C 63 25.61 9.72 -24.51
N SER C 64 24.28 9.68 -24.64
CA SER C 64 23.42 10.54 -23.83
C SER C 64 22.16 9.78 -23.44
N GLY C 65 21.60 10.16 -22.31
CA GLY C 65 20.35 9.57 -21.85
C GLY C 65 19.28 10.63 -21.70
N SER C 66 18.03 10.21 -21.83
CA SER C 66 16.90 11.13 -21.74
C SER C 66 15.70 10.41 -21.16
N ARG C 67 14.90 11.16 -20.39
CA ARG C 67 13.65 10.67 -19.83
C ARG C 67 12.52 11.59 -20.25
N SER C 68 11.34 10.99 -20.47
CA SER C 68 10.15 11.76 -20.81
C SER C 68 8.94 10.90 -20.48
N GLY C 69 8.15 11.33 -19.49
CA GLY C 69 7.07 10.48 -19.02
C GLY C 69 7.65 9.19 -18.46
N THR C 70 7.12 8.06 -18.93
CA THR C 70 7.65 6.75 -18.60
C THR C 70 8.57 6.20 -19.68
N ASP C 71 8.92 7.02 -20.66
CA ASP C 71 9.80 6.64 -21.76
C ASP C 71 11.23 7.04 -21.42
N PHE C 72 12.17 6.17 -21.74
CA PHE C 72 13.58 6.47 -21.59
C PHE C 72 14.28 6.19 -22.91
N THR C 73 15.31 6.99 -23.21
CA THR C 73 15.97 6.89 -24.51
C THR C 73 17.47 7.04 -24.35
N LEU C 74 18.21 6.25 -25.12
CA LEU C 74 19.65 6.38 -25.23
C LEU C 74 19.98 6.88 -26.64
N THR C 75 20.72 7.97 -26.72
CA THR C 75 21.06 8.61 -27.99
C THR C 75 22.57 8.58 -28.20
N ILE C 76 22.99 8.10 -29.36
CA ILE C 76 24.39 8.07 -29.75
C ILE C 76 24.54 9.02 -30.92
N SER C 77 25.40 10.04 -30.74
CA SER C 77 25.56 11.07 -31.76
C SER C 77 26.12 10.49 -33.05
N SER C 78 27.22 9.74 -32.96
CA SER C 78 27.86 9.15 -34.12
C SER C 78 28.44 7.79 -33.72
N LEU C 79 27.89 6.73 -34.30
CA LEU C 79 28.37 5.39 -34.00
C LEU C 79 29.78 5.18 -34.56
N GLN C 80 30.58 4.41 -33.84
CA GLN C 80 31.95 4.11 -34.21
C GLN C 80 32.15 2.60 -34.15
N PRO C 81 33.21 2.10 -34.79
CA PRO C 81 33.41 0.64 -34.82
C PRO C 81 33.52 0.01 -33.45
N GLU C 82 33.90 0.79 -32.43
CA GLU C 82 34.11 0.22 -31.10
C GLU C 82 32.78 -0.14 -30.44
N ASP C 83 31.77 0.71 -30.58
CA ASP C 83 30.51 0.52 -29.85
C ASP C 83 29.49 -0.27 -30.67
N PHE C 84 29.85 -1.49 -31.05
CA PHE C 84 28.97 -2.40 -31.77
C PHE C 84 28.72 -3.62 -30.89
N ALA C 85 27.69 -3.53 -30.05
CA ALA C 85 27.33 -4.61 -29.14
C ALA C 85 25.93 -4.35 -28.61
N THR C 86 25.47 -5.21 -27.71
CA THR C 86 24.11 -5.15 -27.20
C THR C 86 23.98 -4.07 -26.13
N TYR C 87 22.78 -3.53 -25.99
CA TYR C 87 22.49 -2.50 -25.00
C TYR C 87 21.28 -2.92 -24.17
N TYR C 88 21.43 -2.87 -22.85
CA TYR C 88 20.42 -3.35 -21.92
C TYR C 88 19.90 -2.20 -21.05
N CYS C 89 18.58 -2.21 -20.85
CA CYS C 89 17.87 -1.22 -20.06
C CYS C 89 17.45 -1.84 -18.74
N GLN C 90 17.96 -1.31 -17.63
CA GLN C 90 17.69 -1.86 -16.31
C GLN C 90 16.92 -0.85 -15.47
N GLN C 91 16.10 -1.37 -14.57
CA GLN C 91 15.35 -0.57 -13.62
C GLN C 91 15.65 -1.04 -12.20
N GLY C 92 15.89 -0.09 -11.31
CA GLY C 92 16.29 -0.43 -9.95
C GLY C 92 15.44 0.18 -8.86
N ALA C 93 14.19 0.51 -9.18
CA ALA C 93 13.28 1.12 -8.21
C ALA C 93 12.31 0.10 -7.60
N SER C 94 12.64 -1.18 -7.64
CA SER C 94 11.82 -2.21 -7.02
C SER C 94 12.69 -3.42 -6.72
N GLU C 95 12.21 -4.26 -5.81
CA GLU C 95 13.00 -5.42 -5.40
C GLU C 95 13.33 -6.33 -6.58
N PRO C 96 12.37 -6.73 -7.42
CA PRO C 96 12.75 -7.47 -8.62
C PRO C 96 13.38 -6.55 -9.65
N ILE C 97 14.70 -6.64 -9.81
CA ILE C 97 15.41 -5.80 -10.76
C ILE C 97 15.31 -6.45 -12.13
N THR C 98 14.46 -5.89 -12.99
CA THR C 98 14.15 -6.48 -14.28
C THR C 98 14.95 -5.77 -15.36
N PHE C 99 15.74 -6.53 -16.12
CA PHE C 99 16.49 -5.99 -17.24
C PHE C 99 15.60 -5.92 -18.48
N GLY C 100 16.12 -5.29 -19.52
CA GLY C 100 15.42 -5.23 -20.78
C GLY C 100 15.76 -6.40 -21.69
N GLN C 101 15.02 -6.50 -22.79
CA GLN C 101 15.28 -7.56 -23.75
C GLN C 101 16.64 -7.39 -24.40
N GLY C 102 16.99 -6.17 -24.79
CA GLY C 102 18.28 -5.91 -25.39
C GLY C 102 18.21 -5.71 -26.89
N THR C 103 18.87 -4.67 -27.39
CA THR C 103 18.92 -4.37 -28.81
C THR C 103 20.35 -4.50 -29.30
N LYS C 104 20.52 -5.11 -30.47
CA LYS C 104 21.83 -5.32 -31.06
C LYS C 104 22.01 -4.38 -32.24
N VAL C 105 23.11 -3.63 -32.24
CA VAL C 105 23.43 -2.71 -33.32
C VAL C 105 24.52 -3.34 -34.18
N GLU C 106 24.31 -3.34 -35.49
CA GLU C 106 25.22 -3.96 -36.44
C GLU C 106 25.61 -2.94 -37.50
N ILE C 107 26.30 -3.40 -38.53
CA ILE C 107 26.83 -2.55 -39.60
C ILE C 107 25.98 -2.75 -40.84
N LYS C 108 25.47 -1.65 -41.39
CA LYS C 108 24.68 -1.70 -42.61
C LYS C 108 25.58 -1.92 -43.81
N ARG C 109 25.09 -2.72 -44.76
CA ARG C 109 25.86 -3.05 -45.95
C ARG C 109 24.90 -3.37 -47.09
N THR C 110 25.45 -3.44 -48.30
CA THR C 110 24.65 -3.81 -49.46
C THR C 110 24.19 -5.26 -49.35
N VAL C 111 22.93 -5.51 -49.71
CA VAL C 111 22.38 -6.85 -49.63
C VAL C 111 23.10 -7.75 -50.63
N ALA C 112 23.43 -8.97 -50.19
CA ALA C 112 24.12 -9.94 -51.01
C ALA C 112 23.26 -11.18 -51.20
N ALA C 113 23.24 -11.70 -52.42
CA ALA C 113 22.45 -12.89 -52.71
C ALA C 113 23.10 -14.12 -52.09
N PRO C 114 22.41 -14.85 -51.24
CA PRO C 114 23.02 -16.02 -50.60
C PRO C 114 23.35 -17.12 -51.61
N SER C 115 24.43 -17.85 -51.32
CA SER C 115 24.82 -19.01 -52.10
C SER C 115 24.54 -20.26 -51.28
N VAL C 116 23.86 -21.24 -51.88
CA VAL C 116 23.34 -22.41 -51.19
C VAL C 116 24.03 -23.66 -51.70
N PHE C 117 24.47 -24.50 -50.77
CA PHE C 117 25.09 -25.79 -51.07
C PHE C 117 24.38 -26.86 -50.25
N ILE C 118 24.37 -28.08 -50.77
CA ILE C 118 23.76 -29.22 -50.09
C ILE C 118 24.77 -30.35 -50.00
N PHE C 119 24.82 -30.97 -48.82
CA PHE C 119 25.68 -32.12 -48.56
C PHE C 119 24.89 -33.23 -47.89
N PRO C 120 24.73 -34.37 -48.56
CA PRO C 120 23.95 -35.46 -47.97
C PRO C 120 24.77 -36.23 -46.94
N PRO C 121 24.17 -37.20 -46.27
CA PRO C 121 24.92 -38.01 -45.31
C PRO C 121 26.06 -38.75 -46.01
N SER C 122 27.18 -38.85 -45.31
CA SER C 122 28.36 -39.50 -45.85
C SER C 122 28.24 -41.02 -45.74
N ASP C 123 29.22 -41.73 -46.30
CA ASP C 123 29.24 -43.19 -46.22
C ASP C 123 29.45 -43.69 -44.80
N SER C 124 30.00 -42.87 -43.91
CA SER C 124 30.21 -43.25 -42.52
C SER C 124 28.94 -43.16 -41.69
N GLN C 125 27.86 -42.59 -42.23
CA GLN C 125 26.59 -42.56 -41.53
C GLN C 125 25.97 -43.94 -41.37
N LEU C 126 26.44 -44.93 -42.12
CA LEU C 126 25.89 -46.28 -42.05
C LEU C 126 26.17 -46.96 -40.72
N LYS C 127 27.11 -46.45 -39.92
CA LYS C 127 27.44 -47.04 -38.62
C LYS C 127 26.94 -46.23 -37.45
N SER C 128 26.50 -44.98 -37.66
CA SER C 128 25.97 -44.18 -36.57
C SER C 128 24.49 -44.45 -36.30
N GLY C 129 23.84 -45.24 -37.15
CA GLY C 129 22.42 -45.51 -37.01
C GLY C 129 21.51 -44.45 -37.57
N THR C 130 22.05 -43.37 -38.12
CA THR C 130 21.24 -42.30 -38.68
C THR C 130 22.05 -41.56 -39.73
N ALA C 131 21.34 -40.84 -40.59
CA ALA C 131 21.93 -40.02 -41.64
C ALA C 131 21.60 -38.56 -41.41
N SER C 132 22.51 -37.68 -41.84
CA SER C 132 22.34 -36.25 -41.69
C SER C 132 22.57 -35.56 -43.02
N VAL C 133 21.71 -34.58 -43.31
CA VAL C 133 21.81 -33.79 -44.54
C VAL C 133 21.91 -32.32 -44.13
N VAL C 134 22.86 -31.61 -44.74
CA VAL C 134 23.15 -30.23 -44.39
C VAL C 134 22.91 -29.34 -45.60
N CYS C 135 22.12 -28.29 -45.42
CA CYS C 135 21.93 -27.25 -46.42
C CYS C 135 22.52 -25.96 -45.86
N LEU C 136 23.58 -25.47 -46.49
CA LEU C 136 24.34 -24.34 -45.98
C LEU C 136 24.29 -23.19 -46.96
N LEU C 137 23.89 -22.02 -46.49
CA LEU C 137 23.90 -20.81 -47.29
C LEU C 137 24.89 -19.81 -46.71
N ASN C 138 25.50 -19.03 -47.59
CA ASN C 138 26.54 -18.10 -47.19
C ASN C 138 26.41 -16.79 -47.96
N ASN C 139 26.96 -15.72 -47.37
CA ASN C 139 26.97 -14.40 -47.98
C ASN C 139 25.55 -13.91 -48.26
N PHE C 140 24.79 -13.77 -47.18
CA PHE C 140 23.44 -13.23 -47.24
C PHE C 140 23.28 -12.14 -46.19
N TYR C 141 22.57 -11.07 -46.57
CA TYR C 141 22.38 -9.93 -45.68
C TYR C 141 21.04 -9.28 -46.00
N PRO C 142 20.25 -8.93 -44.97
CA PRO C 142 20.61 -9.15 -43.57
C PRO C 142 20.33 -10.58 -43.11
N ARG C 143 20.40 -10.82 -41.80
CA ARG C 143 20.18 -12.16 -41.26
C ARG C 143 18.74 -12.62 -41.35
N GLU C 144 17.79 -11.70 -41.56
CA GLU C 144 16.37 -12.05 -41.45
C GLU C 144 15.99 -12.87 -42.69
N ALA C 145 16.20 -14.18 -42.57
CA ALA C 145 15.81 -15.14 -43.60
C ALA C 145 15.41 -16.43 -42.91
N LYS C 146 14.22 -16.93 -43.22
CA LYS C 146 13.68 -18.12 -42.57
C LYS C 146 13.60 -19.25 -43.59
N VAL C 147 14.20 -20.39 -43.26
CA VAL C 147 14.21 -21.55 -44.14
C VAL C 147 13.13 -22.51 -43.70
N GLN C 148 12.27 -22.90 -44.64
CA GLN C 148 11.17 -23.81 -44.38
C GLN C 148 11.40 -25.12 -45.12
N TRP C 149 11.06 -26.23 -44.48
CA TRP C 149 11.23 -27.56 -45.04
C TRP C 149 9.85 -28.17 -45.31
N LYS C 150 9.61 -28.56 -46.56
CA LYS C 150 8.36 -29.20 -46.94
C LYS C 150 8.65 -30.22 -48.03
N VAL C 151 8.15 -31.44 -47.84
CA VAL C 151 8.35 -32.53 -48.79
C VAL C 151 6.99 -33.06 -49.21
N ASP C 152 6.74 -33.08 -50.52
CA ASP C 152 5.47 -33.56 -51.06
C ASP C 152 4.29 -32.82 -50.43
N ASN C 153 4.44 -31.51 -50.28
CA ASN C 153 3.41 -30.67 -49.68
C ASN C 153 3.01 -31.18 -48.29
N ALA C 154 4.02 -31.63 -47.54
CA ALA C 154 3.82 -32.17 -46.20
C ALA C 154 4.55 -31.28 -45.20
N LEU C 155 3.86 -30.91 -44.13
CA LEU C 155 4.46 -30.06 -43.10
C LEU C 155 5.58 -30.81 -42.39
N GLN C 156 6.68 -30.10 -42.15
CA GLN C 156 7.82 -30.67 -41.46
C GLN C 156 8.26 -29.73 -40.34
N SER C 157 8.61 -30.31 -39.19
CA SER C 157 9.05 -29.53 -38.05
C SER C 157 9.50 -30.49 -36.96
N GLY C 158 10.35 -29.99 -36.06
CA GLY C 158 10.86 -30.77 -34.95
C GLY C 158 12.10 -31.58 -35.26
N ASN C 159 12.53 -31.62 -36.52
CA ASN C 159 13.74 -32.34 -36.89
C ASN C 159 14.83 -31.45 -37.49
N SER C 160 14.49 -30.25 -37.93
CA SER C 160 15.49 -29.34 -38.50
C SER C 160 16.19 -28.56 -37.40
N GLN C 161 17.52 -28.53 -37.48
CA GLN C 161 18.35 -27.80 -36.53
C GLN C 161 19.06 -26.69 -37.28
N GLU C 162 18.90 -25.46 -36.80
CA GLU C 162 19.40 -24.28 -37.50
C GLU C 162 20.53 -23.63 -36.71
N SER C 163 21.60 -23.27 -37.43
CA SER C 163 22.73 -22.57 -36.84
C SER C 163 23.05 -21.35 -37.69
N VAL C 164 23.37 -20.24 -37.03
CA VAL C 164 23.70 -18.99 -37.70
C VAL C 164 24.92 -18.38 -37.06
N THR C 165 25.85 -17.92 -37.88
CA THR C 165 27.07 -17.28 -37.41
C THR C 165 26.92 -15.76 -37.40
N GLU C 166 27.75 -15.11 -36.59
CA GLU C 166 27.72 -13.67 -36.45
C GLU C 166 28.47 -13.02 -37.60
N GLN C 167 28.35 -11.70 -37.72
CA GLN C 167 28.92 -10.99 -38.85
C GLN C 167 30.41 -11.27 -39.01
N ASP C 168 30.83 -11.52 -40.23
CA ASP C 168 32.25 -11.69 -40.51
C ASP C 168 32.99 -10.39 -40.24
N SER C 169 34.13 -10.50 -39.55
CA SER C 169 34.93 -9.32 -39.25
C SER C 169 35.66 -8.76 -40.46
N LYS C 170 35.70 -9.50 -41.57
CA LYS C 170 36.38 -9.06 -42.78
C LYS C 170 35.44 -8.41 -43.78
N ASP C 171 34.28 -9.02 -44.04
CA ASP C 171 33.31 -8.48 -44.97
C ASP C 171 31.93 -8.30 -44.37
N SER C 172 31.73 -8.64 -43.10
CA SER C 172 30.44 -8.49 -42.42
C SER C 172 29.36 -9.24 -43.19
N THR C 173 29.52 -10.55 -43.29
CA THR C 173 28.58 -11.42 -43.99
C THR C 173 27.96 -12.39 -42.98
N TYR C 174 27.15 -13.31 -43.49
CA TYR C 174 26.46 -14.26 -42.65
C TYR C 174 26.50 -15.65 -43.28
N SER C 175 26.60 -16.67 -42.42
CA SER C 175 26.59 -18.06 -42.85
C SER C 175 25.60 -18.82 -41.99
N LEU C 176 24.67 -19.52 -42.64
CA LEU C 176 23.61 -20.24 -41.96
C LEU C 176 23.60 -21.69 -42.45
N SER C 177 23.22 -22.59 -41.55
CA SER C 177 23.19 -24.01 -41.86
C SER C 177 21.94 -24.64 -41.27
N SER C 178 21.31 -25.53 -42.04
CA SER C 178 20.17 -26.30 -41.58
C SER C 178 20.49 -27.78 -41.71
N THR C 179 20.33 -28.51 -40.62
CA THR C 179 20.65 -29.93 -40.56
C THR C 179 19.39 -30.74 -40.33
N LEU C 180 19.20 -31.77 -41.15
CA LEU C 180 18.07 -32.68 -41.02
C LEU C 180 18.59 -34.09 -40.74
N THR C 181 18.03 -34.74 -39.74
CA THR C 181 18.44 -36.06 -39.31
C THR C 181 17.35 -37.07 -39.62
N LEU C 182 17.73 -38.21 -40.16
CA LEU C 182 16.81 -39.30 -40.47
C LEU C 182 17.34 -40.60 -39.91
N SER C 183 16.42 -41.49 -39.54
CA SER C 183 16.79 -42.80 -39.03
C SER C 183 16.92 -43.77 -40.19
N LYS C 184 17.25 -45.03 -39.86
CA LYS C 184 17.35 -46.05 -40.90
C LYS C 184 16.00 -46.26 -41.58
N ALA C 185 14.91 -46.27 -40.79
CA ALA C 185 13.58 -46.35 -41.38
C ALA C 185 13.30 -45.13 -42.24
N ASP C 186 13.66 -43.94 -41.77
CA ASP C 186 13.51 -42.72 -42.56
C ASP C 186 14.46 -42.67 -43.74
N TYR C 187 15.53 -43.47 -43.73
CA TYR C 187 16.42 -43.56 -44.87
C TYR C 187 15.78 -44.28 -46.05
N GLU C 188 14.71 -45.04 -45.81
CA GLU C 188 14.01 -45.78 -46.84
C GLU C 188 12.93 -44.95 -47.55
N LYS C 189 12.75 -43.70 -47.14
CA LYS C 189 11.75 -42.82 -47.76
C LYS C 189 12.28 -42.37 -49.12
N HIS C 190 11.60 -41.41 -49.74
CA HIS C 190 11.95 -40.95 -51.08
C HIS C 190 13.45 -40.74 -51.22
N LYS C 191 14.05 -41.47 -52.16
CA LYS C 191 15.50 -41.40 -52.34
C LYS C 191 15.94 -39.99 -52.74
N VAL C 192 15.12 -39.29 -53.52
CA VAL C 192 15.45 -37.92 -53.88
C VAL C 192 15.40 -37.05 -52.64
N TYR C 193 16.48 -36.33 -52.39
CA TYR C 193 16.62 -35.47 -51.23
C TYR C 193 16.70 -34.02 -51.68
N ALA C 194 15.85 -33.17 -51.11
CA ALA C 194 15.79 -31.78 -51.53
C ALA C 194 15.54 -30.89 -50.32
N CYS C 195 15.98 -29.63 -50.45
CA CYS C 195 15.71 -28.63 -49.42
C CYS C 195 15.53 -27.27 -50.08
N GLU C 196 14.82 -26.39 -49.37
CA GLU C 196 14.46 -25.08 -49.87
C GLU C 196 15.00 -24.00 -48.95
N VAL C 197 15.39 -22.86 -49.53
CA VAL C 197 15.87 -21.70 -48.80
C VAL C 197 15.09 -20.48 -49.26
N THR C 198 14.61 -19.69 -48.30
CA THR C 198 13.85 -18.48 -48.59
C THR C 198 14.58 -17.28 -48.03
N HIS C 199 14.75 -16.24 -48.86
CA HIS C 199 15.45 -15.05 -48.45
C HIS C 199 14.94 -13.86 -49.28
N GLN C 200 15.14 -12.65 -48.74
CA GLN C 200 14.74 -11.44 -49.42
C GLN C 200 15.54 -11.18 -50.69
N GLY C 201 16.68 -11.86 -50.88
CA GLY C 201 17.48 -11.64 -52.07
C GLY C 201 16.89 -12.20 -53.34
N LEU C 202 15.86 -13.03 -53.25
CA LEU C 202 15.18 -13.60 -54.40
C LEU C 202 13.68 -13.48 -54.22
N SER C 203 12.97 -13.38 -55.34
CA SER C 203 11.51 -13.27 -55.29
C SER C 203 10.87 -14.58 -54.84
N SER C 204 11.46 -15.72 -55.19
CA SER C 204 10.93 -17.02 -54.82
C SER C 204 12.01 -17.86 -54.18
N PRO C 205 11.64 -18.75 -53.25
CA PRO C 205 12.65 -19.58 -52.59
C PRO C 205 13.37 -20.48 -53.59
N VAL C 206 14.63 -20.75 -53.30
CA VAL C 206 15.47 -21.61 -54.13
C VAL C 206 15.38 -23.02 -53.56
N THR C 207 14.96 -23.97 -54.40
CA THR C 207 14.84 -25.37 -54.02
C THR C 207 15.88 -26.18 -54.76
N LYS C 208 16.69 -26.94 -54.01
CA LYS C 208 17.74 -27.77 -54.59
C LYS C 208 17.48 -29.22 -54.25
N SER C 209 17.54 -30.08 -55.26
CA SER C 209 17.25 -31.50 -55.11
C SER C 209 18.35 -32.33 -55.76
N PHE C 210 18.52 -33.55 -55.26
CA PHE C 210 19.52 -34.46 -55.79
C PHE C 210 19.06 -35.90 -55.54
N ASN C 211 19.70 -36.83 -56.23
CA ASN C 211 19.38 -38.25 -56.14
C ASN C 211 20.62 -39.03 -55.76
N ARG C 212 20.47 -39.99 -54.85
CA ARG C 212 21.58 -40.82 -54.41
C ARG C 212 21.97 -41.81 -55.50
N TYR D 23 -32.15 -2.39 -10.23
CA TYR D 23 -31.89 -3.53 -9.35
C TYR D 23 -30.75 -3.22 -8.38
N SER D 24 -29.93 -2.24 -8.75
CA SER D 24 -28.88 -1.77 -7.84
C SER D 24 -29.28 -0.50 -7.11
N GLN D 25 -30.41 0.10 -7.47
CA GLN D 25 -30.93 1.26 -6.75
C GLN D 25 -31.83 0.87 -5.58
N THR D 26 -32.64 -0.17 -5.72
CA THR D 26 -33.45 -0.62 -4.60
C THR D 26 -32.58 -1.05 -3.43
N TRP D 27 -31.32 -1.37 -3.69
CA TRP D 27 -30.39 -1.72 -2.62
C TRP D 27 -30.18 -0.55 -1.67
N LEU D 28 -29.92 0.65 -2.21
CA LEU D 28 -29.68 1.81 -1.37
C LEU D 28 -30.90 2.15 -0.52
N ALA D 29 -32.10 2.03 -1.10
CA ALA D 29 -33.31 2.29 -0.33
C ALA D 29 -33.42 1.35 0.86
N SER D 30 -33.14 0.06 0.66
CA SER D 30 -33.21 -0.88 1.76
C SER D 30 -32.16 -0.59 2.80
N VAL D 31 -30.95 -0.20 2.38
CA VAL D 31 -29.90 0.14 3.33
C VAL D 31 -30.34 1.29 4.21
N VAL D 32 -30.84 2.37 3.59
CA VAL D 32 -31.24 3.54 4.36
C VAL D 32 -32.40 3.21 5.29
N ILE D 33 -33.38 2.45 4.80
CA ILE D 33 -34.55 2.12 5.62
C ILE D 33 -34.14 1.29 6.82
N ILE D 34 -33.27 0.29 6.60
CA ILE D 34 -32.82 -0.53 7.72
C ILE D 34 -32.03 0.29 8.72
N GLY D 35 -31.19 1.21 8.23
CA GLY D 35 -30.46 2.07 9.14
C GLY D 35 -31.38 2.89 10.02
N LEU D 36 -32.40 3.50 9.41
CA LEU D 36 -33.33 4.31 10.18
C LEU D 36 -34.13 3.46 11.17
N LEU D 37 -34.56 2.27 10.74
CA LEU D 37 -35.32 1.41 11.64
C LEU D 37 -34.48 0.98 12.84
N VAL D 38 -33.22 0.62 12.61
CA VAL D 38 -32.36 0.22 13.72
C VAL D 38 -32.09 1.39 14.65
N GLY D 39 -31.93 2.59 14.08
CA GLY D 39 -31.80 3.76 14.94
C GLY D 39 -33.02 3.96 15.84
N TYR D 40 -34.21 3.84 15.25
CA TYR D 40 -35.43 4.00 16.05
C TYR D 40 -35.55 2.93 17.12
N ILE D 41 -35.21 1.69 16.78
CA ILE D 41 -35.29 0.61 17.77
C ILE D 41 -34.30 0.86 18.90
N ASN D 42 -33.10 1.34 18.58
CA ASN D 42 -32.14 1.65 19.63
C ASN D 42 -32.65 2.75 20.55
N TYR D 43 -33.26 3.79 19.98
CA TYR D 43 -33.82 4.85 20.80
C TYR D 43 -34.92 4.30 21.72
N GLN D 44 -35.79 3.46 21.18
CA GLN D 44 -36.84 2.86 22.01
C GLN D 44 -36.23 2.02 23.14
N HIS D 45 -35.17 1.26 22.83
CA HIS D 45 -34.53 0.43 23.84
C HIS D 45 -33.94 1.28 24.96
N VAL D 46 -33.22 2.34 24.61
CA VAL D 46 -32.62 3.19 25.63
C VAL D 46 -33.71 3.83 26.48
N TYR D 47 -34.78 4.31 25.85
CA TYR D 47 -35.85 4.93 26.61
C TYR D 47 -36.51 3.94 27.57
N THR D 48 -36.76 2.72 27.10
CA THR D 48 -37.37 1.71 27.95
C THR D 48 -36.48 1.38 29.14
N LEU D 49 -35.18 1.19 28.90
CA LEU D 49 -34.27 0.90 30.00
C LEU D 49 -34.26 2.05 30.99
N PHE D 50 -34.22 3.29 30.51
CA PHE D 50 -34.24 4.44 31.41
C PHE D 50 -35.48 4.43 32.28
N GLU D 51 -36.66 4.27 31.68
CA GLU D 51 -37.88 4.32 32.48
C GLU D 51 -37.94 3.16 33.46
N ASN D 52 -37.45 1.99 33.07
CA ASN D 52 -37.43 0.86 34.00
C ASN D 52 -36.50 1.11 35.18
N ASP D 53 -35.33 1.70 34.93
CA ASP D 53 -34.32 1.80 35.98
C ASP D 53 -34.72 2.82 37.04
N LYS D 54 -35.15 4.01 36.62
CA LYS D 54 -35.37 5.13 37.55
C LYS D 54 -36.82 5.31 37.97
N HIS D 55 -37.78 4.88 37.16
CA HIS D 55 -39.19 5.06 37.49
C HIS D 55 -39.61 6.53 37.42
N PHE D 56 -39.14 7.23 36.39
CA PHE D 56 -39.52 8.64 36.23
C PHE D 56 -41.02 8.82 36.07
N SER D 57 -41.75 7.76 35.74
CA SER D 57 -43.18 7.90 35.49
C SER D 57 -43.92 8.44 36.70
N HIS D 58 -43.59 7.96 37.90
CA HIS D 58 -44.33 8.28 39.12
C HIS D 58 -43.40 8.82 40.20
N LEU D 59 -42.53 9.74 39.82
CA LEU D 59 -41.62 10.40 40.76
C LEU D 59 -42.05 11.84 40.97
N ALA D 60 -41.87 12.32 42.20
CA ALA D 60 -42.14 13.71 42.50
C ALA D 60 -41.23 14.61 41.69
N ASP D 61 -41.76 15.77 41.30
CA ASP D 61 -41.00 16.66 40.43
C ASP D 61 -39.69 17.08 41.08
N PHE D 62 -39.72 17.40 42.37
CA PHE D 62 -38.49 17.70 43.09
C PHE D 62 -37.67 16.46 43.38
N GLU D 63 -38.10 15.29 42.91
CA GLU D 63 -37.39 14.05 43.17
C GLU D 63 -36.56 13.58 41.99
N ARG D 64 -36.97 13.92 40.77
CA ARG D 64 -36.14 13.61 39.61
C ARG D 64 -34.79 14.31 39.71
N GLU D 65 -34.79 15.57 40.13
CA GLU D 65 -33.53 16.30 40.31
C GLU D 65 -32.62 15.58 41.30
N MET D 66 -33.19 15.10 42.41
CA MET D 66 -32.41 14.31 43.35
C MET D 66 -31.96 12.99 42.72
N ALA D 67 -32.69 12.52 41.71
CA ALA D 67 -32.22 11.37 40.95
C ALA D 67 -31.00 11.73 40.12
N TYR D 68 -30.91 12.98 39.69
CA TYR D 68 -29.72 13.49 38.99
C TYR D 68 -28.59 13.65 40.00
N ARG D 69 -27.66 12.71 40.00
CA ARG D 69 -26.59 12.65 41.00
C ARG D 69 -25.47 13.63 40.67
N THR D 70 -24.30 13.39 41.27
CA THR D 70 -23.22 14.38 41.37
C THR D 70 -23.04 15.27 40.14
N GLU D 71 -22.82 14.71 38.95
CA GLU D 71 -22.57 15.57 37.80
C GLU D 71 -23.87 15.98 37.12
N MET D 72 -24.75 15.01 36.83
CA MET D 72 -26.00 15.27 36.15
C MET D 72 -26.69 16.50 36.72
N GLY D 73 -26.67 16.65 38.04
CA GLY D 73 -27.31 17.81 38.65
C GLY D 73 -26.69 19.12 38.20
N LEU D 74 -25.37 19.17 38.12
CA LEU D 74 -24.70 20.43 37.79
C LEU D 74 -25.12 20.94 36.42
N TYR D 75 -25.00 20.11 35.39
CA TYR D 75 -25.35 20.56 34.04
C TYR D 75 -26.83 20.89 33.94
N TYR D 76 -27.70 20.01 34.42
CA TYR D 76 -29.14 20.25 34.31
C TYR D 76 -29.57 21.49 35.10
N SER D 77 -28.81 21.88 36.12
CA SER D 77 -29.18 23.08 36.87
C SER D 77 -29.21 24.31 35.96
N TYR D 78 -28.28 24.40 35.01
CA TYR D 78 -28.24 25.56 34.14
C TYR D 78 -29.37 25.53 33.10
N TYR D 79 -29.76 24.35 32.63
CA TYR D 79 -30.95 24.26 31.81
C TYR D 79 -32.18 24.73 32.58
N LYS D 80 -32.30 24.32 33.84
CA LYS D 80 -33.43 24.77 34.65
C LYS D 80 -33.38 26.27 34.88
N THR D 81 -32.19 26.82 35.09
CA THR D 81 -32.06 28.27 35.28
C THR D 81 -32.46 29.03 34.02
N ILE D 82 -32.03 28.54 32.85
CA ILE D 82 -32.33 29.24 31.61
C ILE D 82 -33.83 29.18 31.31
N ILE D 83 -34.45 28.02 31.47
CA ILE D 83 -35.86 27.91 31.12
C ILE D 83 -36.76 28.66 32.09
N ASN D 84 -36.22 29.16 33.20
CA ASN D 84 -37.01 29.88 34.20
C ASN D 84 -36.84 31.39 34.14
N ALA D 85 -35.77 31.88 33.53
CA ALA D 85 -35.50 33.31 33.56
C ALA D 85 -36.56 34.08 32.77
N PRO D 86 -36.67 35.39 33.01
CA PRO D 86 -37.69 36.17 32.30
C PRO D 86 -37.58 36.08 30.79
N SER D 87 -36.36 36.05 30.25
CA SER D 87 -36.16 35.91 28.81
C SER D 87 -34.89 35.12 28.56
N PHE D 88 -34.87 34.44 27.42
CA PHE D 88 -33.72 33.59 27.10
C PHE D 88 -32.42 34.38 27.14
N LEU D 89 -32.43 35.60 26.60
CA LEU D 89 -31.22 36.42 26.64
C LEU D 89 -30.81 36.71 28.08
N GLU D 90 -31.77 37.03 28.94
CA GLU D 90 -31.44 37.29 30.33
C GLU D 90 -30.84 36.06 31.00
N GLY D 91 -31.42 34.88 30.74
CA GLY D 91 -30.88 33.67 31.31
C GLY D 91 -29.47 33.37 30.84
N VAL D 92 -29.22 33.53 29.53
CA VAL D 92 -27.88 33.27 29.02
C VAL D 92 -26.89 34.26 29.60
N GLN D 93 -27.29 35.53 29.73
CA GLN D 93 -26.41 36.51 30.36
C GLN D 93 -26.12 36.15 31.80
N GLU D 94 -27.12 35.64 32.53
CA GLU D 94 -26.87 35.20 33.90
C GLU D 94 -25.89 34.04 33.94
N ILE D 95 -26.07 33.03 33.10
CA ILE D 95 -25.23 31.85 33.19
C ILE D 95 -23.87 32.05 32.54
N THR D 96 -23.67 33.13 31.79
CA THR D 96 -22.34 33.48 31.30
C THR D 96 -21.55 34.32 32.29
N HIS D 97 -22.17 34.72 33.40
CA HIS D 97 -21.53 35.50 34.47
C HIS D 97 -21.91 34.92 35.82
N ASP D 98 -21.84 33.60 35.93
CA ASP D 98 -22.30 32.91 37.13
C ASP D 98 -21.41 33.27 38.31
N THR D 99 -22.04 33.66 39.43
CA THR D 99 -21.33 33.98 40.66
C THR D 99 -21.74 33.09 41.82
N VAL D 100 -22.39 31.96 41.55
CA VAL D 100 -22.81 31.03 42.59
C VAL D 100 -22.23 29.64 42.41
N THR D 101 -21.81 29.27 41.21
CA THR D 101 -21.21 27.95 41.02
C THR D 101 -19.92 27.82 41.84
N GLU D 102 -19.09 28.86 41.83
CA GLU D 102 -17.88 28.93 42.64
C GLU D 102 -17.92 30.28 43.35
N HIS D 103 -18.57 30.32 44.51
CA HIS D 103 -18.74 31.57 45.24
C HIS D 103 -17.38 32.22 45.51
N GLY D 104 -17.30 33.52 45.25
CA GLY D 104 -16.06 34.25 45.49
C GLY D 104 -15.63 35.08 44.30
N HIS D 105 -15.83 34.56 43.09
CA HIS D 105 -15.49 35.31 41.89
C HIS D 105 -16.39 34.88 40.75
N GLU D 106 -16.63 35.81 39.82
CA GLU D 106 -17.46 35.57 38.65
C GLU D 106 -16.71 34.67 37.67
N ILE D 107 -17.41 33.71 37.08
CA ILE D 107 -16.86 32.81 36.09
C ILE D 107 -17.82 32.72 34.91
N ASN D 108 -17.28 32.30 33.76
CA ASN D 108 -18.08 32.05 32.57
C ASN D 108 -18.29 30.55 32.44
N THR D 109 -19.53 30.11 32.65
CA THR D 109 -19.85 28.70 32.69
C THR D 109 -20.11 28.09 31.31
N LEU D 110 -20.26 28.92 30.28
CA LEU D 110 -20.57 28.38 28.95
C LEU D 110 -19.37 27.69 28.35
N ASN D 111 -18.20 28.29 28.44
CA ASN D 111 -16.97 27.72 27.90
C ASN D 111 -16.21 26.87 28.91
N ARG D 112 -16.66 26.82 30.15
CA ARG D 112 -15.94 26.07 31.17
C ARG D 112 -16.54 24.69 31.36
N PHE D 113 -17.86 24.57 31.27
CA PHE D 113 -18.55 23.29 31.42
C PHE D 113 -19.06 22.73 30.10
N ASN D 114 -18.96 23.49 29.00
CA ASN D 114 -19.49 23.07 27.72
C ASN D 114 -21.01 22.86 27.80
N LEU D 115 -21.71 23.96 28.06
CA LEU D 115 -23.15 23.95 28.28
C LEU D 115 -23.92 24.43 27.04
N TYR D 116 -23.46 24.06 25.85
CA TYR D 116 -24.18 24.39 24.63
C TYR D 116 -25.40 23.52 24.44
N PRO D 117 -25.36 22.22 24.78
CA PRO D 117 -26.59 21.42 24.72
C PRO D 117 -27.71 21.99 25.56
N GLU D 118 -27.39 22.48 26.77
CA GLU D 118 -28.42 23.08 27.61
C GLU D 118 -28.97 24.36 26.97
N VAL D 119 -28.09 25.18 26.39
CA VAL D 119 -28.55 26.41 25.76
C VAL D 119 -29.48 26.09 24.60
N ILE D 120 -29.10 25.12 23.77
CA ILE D 120 -29.94 24.75 22.63
C ILE D 120 -31.28 24.22 23.10
N LEU D 121 -31.27 23.35 24.10
CA LEU D 121 -32.52 22.77 24.59
C LEU D 121 -33.43 23.83 25.19
N ALA D 122 -32.86 24.77 25.95
CA ALA D 122 -33.67 25.84 26.53
C ALA D 122 -34.22 26.77 25.46
N PHE D 123 -33.41 27.09 24.45
CA PHE D 123 -33.86 27.95 23.38
C PHE D 123 -35.01 27.31 22.61
N LEU D 124 -34.93 25.99 22.37
CA LEU D 124 -36.05 25.30 21.75
C LEU D 124 -37.27 25.25 22.68
N TYR D 125 -37.06 24.97 23.97
CA TYR D 125 -38.19 24.73 24.86
C TYR D 125 -39.01 25.98 25.13
N ARG D 126 -38.34 27.09 25.48
CA ARG D 126 -39.10 28.28 25.90
C ARG D 126 -40.15 28.68 24.88
N PRO D 127 -39.85 28.85 23.60
CA PRO D 127 -40.91 29.24 22.66
C PRO D 127 -41.89 28.13 22.39
N PHE D 128 -41.45 26.87 22.47
CA PHE D 128 -42.38 25.76 22.32
C PHE D 128 -43.43 25.78 23.41
N ARG D 129 -43.01 25.96 24.66
CA ARG D 129 -43.96 26.01 25.77
C ARG D 129 -44.84 27.26 25.68
N ALA D 130 -44.25 28.39 25.28
CA ALA D 130 -45.06 29.60 25.11
C ALA D 130 -46.15 29.38 24.06
N PHE D 131 -45.80 28.77 22.93
CA PHE D 131 -46.79 28.48 21.90
C PHE D 131 -47.84 27.50 22.40
N ALA D 132 -47.42 26.46 23.13
CA ALA D 132 -48.38 25.50 23.66
C ALA D 132 -49.38 26.17 24.58
N LYS D 133 -48.91 27.07 25.45
CA LYS D 133 -49.84 27.81 26.29
C LYS D 133 -50.77 28.69 25.46
N SER D 134 -50.24 29.32 24.42
CA SER D 134 -51.06 30.21 23.60
C SER D 134 -52.19 29.45 22.93
N ALA D 135 -51.91 28.27 22.38
CA ALA D 135 -52.91 27.48 21.70
C ALA D 135 -53.73 26.62 22.65
N ASN D 136 -53.44 26.65 23.94
CA ASN D 136 -54.15 25.85 24.94
C ASN D 136 -54.03 24.36 24.68
N TRP D 137 -52.98 23.95 23.98
CA TRP D 137 -52.76 22.54 23.73
C TRP D 137 -52.34 21.83 25.01
N GLN D 138 -52.88 20.64 25.23
CA GLN D 138 -52.64 19.89 26.46
C GLN D 138 -51.42 19.00 26.24
N ILE D 139 -50.23 19.55 26.54
CA ILE D 139 -49.01 18.78 26.42
C ILE D 139 -48.52 18.23 27.75
N GLU D 140 -48.87 18.88 28.86
CA GLU D 140 -48.51 18.40 30.19
C GLU D 140 -49.79 18.19 30.99
N LEU D 141 -50.14 16.93 31.24
CA LEU D 141 -51.29 16.58 32.06
C LEU D 141 -50.80 15.68 33.19
N CYS D 142 -51.14 16.04 34.41
CA CYS D 142 -50.59 15.35 35.57
C CYS D 142 -51.56 15.38 36.73
N TRP D 143 -51.31 14.51 37.70
CA TRP D 143 -52.17 14.33 38.86
C TRP D 143 -51.31 13.90 40.05
N GLN D 144 -51.92 13.94 41.23
CA GLN D 144 -51.18 13.66 42.46
C GLN D 144 -50.78 12.19 42.54
N VAL D 145 -49.63 11.94 43.15
CA VAL D 145 -49.15 10.59 43.42
C VAL D 145 -49.06 10.41 44.93
N ASN D 146 -49.69 9.35 45.44
CA ASN D 146 -49.73 9.09 46.88
C ASN D 146 -48.60 8.12 47.21
N ARG D 147 -47.47 8.66 47.68
CA ARG D 147 -46.34 7.79 48.02
C ARG D 147 -46.69 6.83 49.14
N GLY D 148 -47.37 7.32 50.17
CA GLY D 148 -47.66 6.51 51.33
C GLY D 148 -47.60 7.31 52.62
N GLU D 149 -46.77 6.86 53.57
CA GLU D 149 -46.64 7.58 54.84
C GLU D 149 -46.17 9.01 54.61
N LEU D 150 -45.28 9.22 53.64
CA LEU D 150 -44.79 10.55 53.35
C LEU D 150 -45.88 11.40 52.70
N ARG D 151 -45.69 12.71 52.73
CA ARG D 151 -46.69 13.62 52.22
C ARG D 151 -46.92 13.37 50.73
N PRO D 152 -48.17 13.41 50.26
CA PRO D 152 -48.42 13.23 48.83
C PRO D 152 -47.75 14.31 48.01
N VAL D 153 -47.31 13.93 46.80
CA VAL D 153 -46.59 14.81 45.91
C VAL D 153 -47.24 14.74 44.53
N GLU D 154 -46.94 15.75 43.71
CA GLU D 154 -47.52 15.89 42.38
C GLU D 154 -46.46 15.55 41.33
N SER D 155 -46.82 14.68 40.39
CA SER D 155 -45.93 14.27 39.31
C SER D 155 -46.58 14.60 37.98
N CYS D 156 -45.83 15.28 37.11
CA CYS D 156 -46.33 15.68 35.80
C CYS D 156 -45.51 15.00 34.71
N GLU D 157 -46.22 14.43 33.73
CA GLU D 157 -45.60 13.67 32.65
C GLU D 157 -46.14 14.13 31.31
N GLY D 158 -45.30 14.05 30.30
CA GLY D 158 -45.67 14.49 28.96
C GLY D 158 -44.48 15.15 28.29
N ILE D 159 -44.68 15.51 27.03
CA ILE D 159 -43.62 16.17 26.28
C ILE D 159 -43.34 17.59 26.77
N GLY D 160 -44.33 18.24 27.37
CA GLY D 160 -44.15 19.59 27.87
C GLY D 160 -43.35 19.68 29.15
N ASN D 161 -43.36 18.64 29.96
CA ASN D 161 -42.64 18.66 31.23
C ASN D 161 -41.13 18.81 30.95
N PRO D 162 -40.46 19.75 31.63
CA PRO D 162 -39.07 20.05 31.24
C PRO D 162 -38.16 18.83 31.28
N HIS D 163 -38.32 17.96 32.27
CA HIS D 163 -37.46 16.79 32.37
C HIS D 163 -37.66 15.88 31.16
N TYR D 164 -38.91 15.65 30.77
CA TYR D 164 -39.16 14.84 29.57
C TYR D 164 -38.63 15.51 28.32
N PHE D 165 -38.73 16.84 28.20
CA PHE D 165 -38.16 17.48 27.03
C PHE D 165 -36.65 17.27 26.95
N TYR D 166 -35.96 17.48 28.07
CA TYR D 166 -34.51 17.29 28.09
C TYR D 166 -34.15 15.84 27.78
N ILE D 167 -34.83 14.89 28.41
CA ILE D 167 -34.50 13.48 28.23
C ILE D 167 -34.81 13.04 26.80
N THR D 168 -35.93 13.49 26.24
CA THR D 168 -36.26 13.14 24.87
C THR D 168 -35.23 13.71 23.90
N GLY D 169 -34.78 14.95 24.12
CA GLY D 169 -33.71 15.48 23.29
C GLY D 169 -32.46 14.63 23.37
N VAL D 170 -32.05 14.28 24.59
CA VAL D 170 -30.83 13.50 24.77
C VAL D 170 -30.95 12.15 24.07
N PHE D 171 -32.11 11.50 24.22
CA PHE D 171 -32.27 10.16 23.69
C PHE D 171 -32.44 10.16 22.18
N ILE D 172 -33.10 11.18 21.62
CA ILE D 172 -33.17 11.31 20.17
C ILE D 172 -31.77 11.53 19.61
N VAL D 173 -30.96 12.35 20.27
CA VAL D 173 -29.60 12.60 19.80
C VAL D 173 -28.75 11.35 19.90
N ALA D 174 -28.96 10.54 20.94
CA ALA D 174 -28.13 9.37 21.18
C ALA D 174 -28.67 8.09 20.56
N GLY D 175 -29.86 8.13 19.95
CA GLY D 175 -30.39 6.96 19.28
C GLY D 175 -29.92 6.75 17.86
N THR D 176 -29.10 7.65 17.34
CA THR D 176 -28.53 7.49 16.01
C THR D 176 -27.18 6.78 16.03
N VAL D 177 -26.70 6.37 17.21
CA VAL D 177 -25.46 5.59 17.26
C VAL D 177 -25.68 4.24 16.59
N ALA D 178 -26.87 3.66 16.75
CA ALA D 178 -27.17 2.41 16.07
C ALA D 178 -27.13 2.58 14.55
N SER D 179 -27.71 3.67 14.04
CA SER D 179 -27.66 3.91 12.61
C SER D 179 -26.23 4.14 12.13
N SER D 180 -25.44 4.89 12.90
CA SER D 180 -24.06 5.12 12.51
C SER D 180 -23.28 3.82 12.46
N ILE D 181 -23.48 2.95 13.46
CA ILE D 181 -22.79 1.66 13.46
C ILE D 181 -23.24 0.80 12.29
N PHE D 182 -24.54 0.80 11.99
CA PHE D 182 -25.02 0.01 10.86
C PHE D 182 -24.43 0.50 9.54
N TYR D 183 -24.38 1.81 9.36
CA TYR D 183 -23.81 2.35 8.13
C TYR D 183 -22.32 2.05 8.04
N LEU D 184 -21.59 2.13 9.15
CA LEU D 184 -20.18 1.79 9.13
C LEU D 184 -19.98 0.32 8.79
N GLY D 185 -20.83 -0.56 9.31
CA GLY D 185 -20.73 -1.96 8.97
C GLY D 185 -21.06 -2.22 7.51
N VAL D 186 -21.99 -1.45 6.96
CA VAL D 186 -22.34 -1.60 5.54
C VAL D 186 -21.20 -1.12 4.65
N LEU D 187 -20.50 -0.06 5.07
CA LEU D 187 -19.44 0.49 4.21
C LEU D 187 -18.23 -0.43 4.15
N VAL D 188 -17.64 -0.76 5.31
CA VAL D 188 -16.40 -1.53 5.33
C VAL D 188 -16.58 -2.98 4.94
N SER D 189 -17.82 -3.46 4.85
CA SER D 189 -18.08 -4.81 4.37
C SER D 189 -18.87 -4.86 3.07
N ASP D 190 -19.34 -3.72 2.56
CA ASP D 190 -20.01 -3.62 1.26
C ASP D 190 -21.12 -4.64 1.11
N SER D 191 -21.75 -5.05 2.20
CA SER D 191 -22.88 -5.97 2.14
C SER D 191 -23.75 -5.75 3.36
N ILE D 192 -25.06 -5.84 3.15
CA ILE D 192 -26.00 -5.65 4.26
C ILE D 192 -25.70 -6.64 5.39
N PHE D 193 -25.05 -7.75 5.08
CA PHE D 193 -24.68 -8.69 6.13
C PHE D 193 -23.68 -8.07 7.10
N GLY D 194 -22.78 -7.23 6.60
CA GLY D 194 -21.87 -6.54 7.50
C GLY D 194 -22.59 -5.62 8.46
N GLY D 195 -23.54 -4.84 7.94
CA GLY D 195 -24.32 -3.97 8.80
C GLY D 195 -25.13 -4.74 9.82
N PHE D 196 -25.73 -5.86 9.39
CA PHE D 196 -26.48 -6.68 10.32
C PHE D 196 -25.57 -7.24 11.41
N LEU D 197 -24.38 -7.69 11.05
CA LEU D 197 -23.44 -8.18 12.06
C LEU D 197 -23.08 -7.07 13.04
N SER D 198 -22.82 -5.87 12.52
CA SER D 198 -22.45 -4.76 13.40
C SER D 198 -23.57 -4.44 14.39
N VAL D 199 -24.80 -4.28 13.88
CA VAL D 199 -25.90 -3.90 14.77
C VAL D 199 -26.20 -5.02 15.76
N LEU D 200 -26.14 -6.28 15.31
CA LEU D 200 -26.40 -7.39 16.23
C LEU D 200 -25.34 -7.45 17.32
N CYS D 201 -24.07 -7.27 16.98
CA CYS D 201 -23.03 -7.28 18.00
C CYS D 201 -23.22 -6.12 18.96
N PHE D 202 -23.66 -4.97 18.45
CA PHE D 202 -23.90 -3.82 19.32
C PHE D 202 -25.06 -4.07 20.28
N ALA D 203 -26.13 -4.71 19.80
CA ALA D 203 -27.30 -4.93 20.65
C ALA D 203 -26.96 -5.83 21.83
N PHE D 204 -26.22 -6.91 21.59
CA PHE D 204 -25.92 -7.85 22.67
C PHE D 204 -24.88 -7.29 23.63
N ASN D 205 -24.01 -6.39 23.15
CA ASN D 205 -23.03 -5.72 23.98
C ASN D 205 -23.45 -4.28 24.26
N HIS D 206 -24.75 -4.06 24.41
CA HIS D 206 -25.26 -2.71 24.64
C HIS D 206 -24.88 -2.21 26.03
N GLY D 207 -25.00 -3.05 27.06
CA GLY D 207 -24.71 -2.61 28.41
C GLY D 207 -23.27 -2.15 28.57
N GLU D 208 -22.34 -2.81 27.88
CA GLU D 208 -20.94 -2.43 27.92
C GLU D 208 -20.56 -1.46 26.82
N ALA D 209 -21.52 -0.98 26.04
CA ALA D 209 -21.23 -0.04 24.97
C ALA D 209 -21.57 1.39 25.36
N THR D 210 -22.65 1.61 26.10
CA THR D 210 -23.08 2.95 26.48
C THR D 210 -23.84 2.88 27.79
N ARG D 211 -23.79 3.99 28.54
CA ARG D 211 -24.56 4.14 29.77
C ARG D 211 -25.46 5.36 29.69
N VAL D 212 -26.07 5.57 28.52
CA VAL D 212 -26.96 6.72 28.36
C VAL D 212 -28.34 6.46 28.95
N GLN D 213 -28.70 5.19 29.17
CA GLN D 213 -30.01 4.91 29.76
C GLN D 213 -30.00 5.08 31.27
N TRP D 214 -28.82 5.18 31.88
N TRP D 214 -28.82 5.13 31.89
CA TRP D 214 -28.72 5.38 33.32
CA TRP D 214 -28.72 5.40 33.32
C TRP D 214 -28.21 6.77 33.71
C TRP D 214 -28.38 6.85 33.61
N THR D 215 -27.54 7.48 32.79
CA THR D 215 -27.04 8.83 33.06
C THR D 215 -27.22 9.69 31.81
N PRO D 216 -28.42 10.21 31.57
CA PRO D 216 -28.65 11.05 30.39
C PRO D 216 -27.85 12.33 30.44
N PRO D 217 -27.97 13.12 31.51
CA PRO D 217 -27.50 14.51 31.47
C PRO D 217 -25.99 14.70 31.29
N LEU D 218 -25.21 13.63 31.28
CA LEU D 218 -23.77 13.78 31.16
C LEU D 218 -23.45 14.35 29.77
N ARG D 219 -22.17 14.66 29.53
CA ARG D 219 -21.77 15.25 28.25
C ARG D 219 -21.56 14.20 27.17
N GLU D 220 -21.03 13.03 27.53
CA GLU D 220 -20.77 12.00 26.53
C GLU D 220 -22.02 11.61 25.77
N SER D 221 -23.19 11.63 26.43
CA SER D 221 -24.44 11.30 25.76
C SER D 221 -24.74 12.24 24.60
N PHE D 222 -24.11 13.42 24.59
CA PHE D 222 -24.29 14.37 23.50
C PHE D 222 -23.16 14.33 22.48
N ALA D 223 -21.94 13.99 22.89
CA ALA D 223 -20.79 14.07 22.00
C ALA D 223 -20.40 12.74 21.38
N PHE D 224 -20.95 11.62 21.83
CA PHE D 224 -20.55 10.37 21.19
C PHE D 224 -21.28 10.15 19.87
N PRO D 225 -22.59 10.38 19.79
CA PRO D 225 -23.27 10.21 18.50
C PRO D 225 -22.65 11.03 17.38
N PHE D 226 -22.23 12.26 17.67
CA PHE D 226 -21.61 13.10 16.64
C PHE D 226 -20.22 12.60 16.28
N ILE D 227 -19.46 12.10 17.25
CA ILE D 227 -18.16 11.51 16.93
C ILE D 227 -18.33 10.32 16.01
N ILE D 228 -19.30 9.46 16.30
CA ILE D 228 -19.49 8.27 15.46
C ILE D 228 -19.99 8.68 14.08
N GLY D 229 -20.86 9.69 14.00
CA GLY D 229 -21.27 10.18 12.69
C GLY D 229 -20.11 10.73 11.89
N HIS D 230 -19.22 11.47 12.55
CA HIS D 230 -18.05 12.01 11.86
C HIS D 230 -17.13 10.89 11.40
N ILE D 231 -16.96 9.84 12.21
CA ILE D 231 -16.13 8.72 11.80
C ILE D 231 -16.73 8.04 10.58
N ALA D 232 -18.05 7.85 10.57
CA ALA D 232 -18.71 7.26 9.41
C ALA D 232 -18.51 8.13 8.17
N ILE D 233 -18.67 9.44 8.31
CA ILE D 233 -18.51 10.33 7.17
C ILE D 233 -17.08 10.29 6.66
N LEU D 234 -16.10 10.23 7.57
CA LEU D 234 -14.70 10.18 7.15
C LEU D 234 -14.38 8.87 6.45
N THR D 235 -14.92 7.75 6.94
CA THR D 235 -14.74 6.49 6.25
C THR D 235 -15.36 6.55 4.85
N PHE D 236 -16.53 7.16 4.72
CA PHE D 236 -17.16 7.28 3.41
C PHE D 236 -16.32 8.14 2.47
N VAL D 237 -15.79 9.25 2.98
CA VAL D 237 -14.95 10.11 2.14
C VAL D 237 -13.71 9.36 1.68
N ILE D 238 -13.04 8.66 2.59
CA ILE D 238 -11.82 7.94 2.22
C ILE D 238 -12.13 6.84 1.21
N LYS D 239 -13.23 6.11 1.41
CA LYS D 239 -13.52 4.97 0.56
C LYS D 239 -13.73 5.39 -0.89
N TYR D 240 -14.54 6.42 -1.13
CA TYR D 240 -14.85 6.88 -2.47
C TYR D 240 -13.97 8.01 -2.95
N LYS D 241 -12.98 8.43 -2.16
CA LYS D 241 -12.02 9.46 -2.57
C LYS D 241 -12.75 10.74 -2.99
N LYS D 242 -13.68 11.19 -2.17
CA LYS D 242 -14.39 12.42 -2.45
C LYS D 242 -13.56 13.63 -2.04
N SER D 243 -14.02 14.80 -2.44
CA SER D 243 -13.36 16.05 -2.11
C SER D 243 -14.28 17.20 -2.50
N GLY D 244 -13.80 18.42 -2.32
CA GLY D 244 -14.55 19.61 -2.65
C GLY D 244 -15.07 20.30 -1.40
N HIS D 245 -15.95 21.28 -1.64
CA HIS D 245 -16.56 22.00 -0.52
C HIS D 245 -17.61 21.16 0.16
N SER D 246 -18.25 20.24 -0.58
CA SER D 246 -19.30 19.42 0.00
C SER D 246 -18.78 18.57 1.14
N MET D 247 -17.68 17.86 0.92
CA MET D 247 -17.15 16.99 1.97
C MET D 247 -16.62 17.81 3.15
N ILE D 248 -16.03 18.98 2.87
CA ILE D 248 -15.55 19.83 3.96
C ILE D 248 -16.71 20.27 4.83
N LEU D 249 -17.81 20.72 4.21
CA LEU D 249 -18.98 21.11 4.98
C LEU D 249 -19.57 19.93 5.75
N LEU D 250 -19.62 18.76 5.12
CA LEU D 250 -20.18 17.59 5.78
C LEU D 250 -19.35 17.20 7.00
N LEU D 251 -18.03 17.32 6.91
CA LEU D 251 -17.18 16.99 8.04
C LEU D 251 -17.30 18.04 9.13
N THR D 252 -17.34 19.33 8.76
CA THR D 252 -17.44 20.39 9.76
C THR D 252 -18.76 20.30 10.52
N SER D 253 -19.86 20.03 9.82
CA SER D 253 -21.16 20.01 10.47
C SER D 253 -21.24 18.99 11.59
N MET D 254 -20.38 17.96 11.56
CA MET D 254 -20.35 16.97 12.63
C MET D 254 -19.14 17.13 13.55
N ALA D 255 -18.13 17.89 13.13
CA ALA D 255 -16.98 18.12 14.02
C ALA D 255 -17.24 19.26 14.99
N VAL D 256 -17.90 20.31 14.55
CA VAL D 256 -18.17 21.47 15.40
C VAL D 256 -19.04 21.06 16.59
N PRO D 257 -20.18 20.40 16.36
CA PRO D 257 -21.02 19.99 17.50
C PRO D 257 -20.32 19.06 18.47
N ALA D 258 -19.43 18.19 17.99
CA ALA D 258 -18.77 17.26 18.89
C ALA D 258 -17.68 17.93 19.73
N LEU D 259 -17.25 19.13 19.35
CA LEU D 259 -16.34 19.92 20.18
C LEU D 259 -17.07 20.90 21.06
N LEU D 260 -18.25 21.35 20.64
CA LEU D 260 -19.02 22.29 21.46
C LEU D 260 -19.78 21.59 22.58
N PHE D 261 -19.81 20.25 22.55
CA PHE D 261 -20.60 19.49 23.52
C PHE D 261 -19.76 18.79 24.58
N TRP D 262 -18.46 18.60 24.36
CA TRP D 262 -17.68 17.83 25.30
C TRP D 262 -16.17 18.00 25.08
N GLN D 263 -15.43 18.29 26.15
CA GLN D 263 -14.01 18.62 26.01
C GLN D 263 -13.21 17.43 25.50
N PHE D 264 -13.52 16.22 25.96
CA PHE D 264 -12.72 15.06 25.60
C PHE D 264 -12.72 14.79 24.11
N THR D 265 -13.67 15.36 23.35
CA THR D 265 -13.62 15.24 21.90
C THR D 265 -12.26 15.68 21.37
N GLN D 266 -11.69 16.72 21.97
CA GLN D 266 -10.39 17.21 21.51
C GLN D 266 -9.35 16.10 21.48
N PHE D 267 -9.47 15.13 22.38
CA PHE D 267 -8.52 14.01 22.36
C PHE D 267 -9.01 12.91 21.43
N ALA D 268 -10.33 12.68 21.37
CA ALA D 268 -10.85 11.66 20.48
C ALA D 268 -10.47 11.95 19.03
N PHE D 269 -10.64 13.20 18.60
CA PHE D 269 -10.20 13.57 17.26
C PHE D 269 -8.69 13.36 17.10
N PHE D 270 -7.92 13.59 18.18
CA PHE D 270 -6.49 13.32 18.10
C PHE D 270 -6.20 11.87 17.76
N THR D 271 -7.10 10.94 18.07
CA THR D 271 -6.87 9.56 17.65
C THR D 271 -7.04 9.42 16.14
N GLN D 272 -8.03 10.12 15.57
CA GLN D 272 -8.26 10.01 14.14
C GLN D 272 -7.05 10.48 13.34
N ILE D 273 -6.46 11.61 13.72
CA ILE D 273 -5.26 12.08 13.04
C ILE D 273 -4.11 11.11 13.25
N CYS D 274 -4.14 10.35 14.35
CA CYS D 274 -3.13 9.30 14.52
C CYS D 274 -3.42 8.09 13.65
N SER D 275 -4.69 7.84 13.32
CA SER D 275 -5.03 6.70 12.47
C SER D 275 -5.11 7.09 11.00
N ILE D 276 -5.50 8.34 10.71
CA ILE D 276 -5.47 8.79 9.32
C ILE D 276 -4.03 8.87 8.82
N PHE D 277 -3.13 9.43 9.63
CA PHE D 277 -1.75 9.58 9.22
C PHE D 277 -1.15 8.24 8.80
N LEU D 278 -1.33 7.21 9.64
CA LEU D 278 -0.79 5.91 9.29
C LEU D 278 -1.29 5.42 7.94
N ALA D 279 -2.55 5.73 7.61
CA ALA D 279 -3.05 5.39 6.29
C ALA D 279 -2.38 6.22 5.21
N PHE D 280 -2.23 7.52 5.45
CA PHE D 280 -1.66 8.40 4.43
C PHE D 280 -0.26 7.97 4.06
N SER D 281 0.55 7.59 5.06
CA SER D 281 1.92 7.17 4.79
C SER D 281 1.98 5.82 4.08
N LEU D 282 0.88 5.10 3.98
CA LEU D 282 0.84 3.82 3.29
C LEU D 282 0.24 3.91 1.90
N ASP D 283 0.18 5.10 1.31
CA ASP D 283 -0.31 5.28 -0.06
C ASP D 283 -1.73 4.72 -0.22
N LEU D 284 -2.54 4.83 0.83
CA LEU D 284 -3.91 4.35 0.79
C LEU D 284 -4.93 5.48 0.75
N ILE D 285 -4.49 6.74 0.77
CA ILE D 285 -5.40 7.88 0.70
C ILE D 285 -4.88 8.85 -0.35
N PRO D 286 -5.70 9.25 -1.32
CA PRO D 286 -5.23 10.20 -2.34
C PRO D 286 -4.82 11.52 -1.70
N PHE D 287 -4.25 12.40 -2.54
CA PHE D 287 -3.81 13.70 -2.05
C PHE D 287 -5.00 14.64 -1.86
N SER D 288 -5.92 14.66 -2.82
CA SER D 288 -7.06 15.58 -2.73
C SER D 288 -7.93 15.28 -1.53
N THR D 289 -8.24 14.01 -1.29
CA THR D 289 -9.08 13.66 -0.15
C THR D 289 -8.40 13.98 1.17
N ALA D 290 -7.08 13.76 1.26
CA ALA D 290 -6.35 14.12 2.46
C ALA D 290 -6.38 15.62 2.70
N LYS D 291 -6.20 16.40 1.64
CA LYS D 291 -6.27 17.85 1.76
C LYS D 291 -7.66 18.28 2.25
N THR D 292 -8.71 17.69 1.67
CA THR D 292 -10.06 18.02 2.11
C THR D 292 -10.28 17.69 3.58
N VAL D 293 -9.84 16.50 4.00
CA VAL D 293 -10.03 16.10 5.39
C VAL D 293 -9.31 17.07 6.32
N ILE D 294 -8.06 17.40 6.01
CA ILE D 294 -7.30 18.27 6.92
C ILE D 294 -7.88 19.67 6.94
N HIS D 295 -8.35 20.17 5.79
CA HIS D 295 -8.98 21.48 5.78
C HIS D 295 -10.26 21.49 6.59
N SER D 296 -11.06 20.43 6.50
CA SER D 296 -12.26 20.35 7.31
C SER D 296 -11.92 20.35 8.79
N HIS D 297 -10.88 19.60 9.18
CA HIS D 297 -10.47 19.60 10.58
C HIS D 297 -10.05 20.99 11.04
N ILE D 298 -9.25 21.68 10.23
CA ILE D 298 -8.78 23.01 10.62
C ILE D 298 -9.96 23.96 10.77
N ILE D 299 -10.90 23.90 9.82
CA ILE D 299 -12.05 24.81 9.87
C ILE D 299 -12.92 24.51 11.08
N SER D 300 -13.16 23.22 11.37
CA SER D 300 -13.95 22.87 12.53
C SER D 300 -13.28 23.35 13.81
N PHE D 301 -11.97 23.21 13.91
CA PHE D 301 -11.27 23.67 15.11
C PHE D 301 -11.35 25.18 15.24
N LEU D 302 -11.21 25.91 14.12
CA LEU D 302 -11.31 27.37 14.20
C LEU D 302 -12.70 27.81 14.65
N ILE D 303 -13.75 27.20 14.09
CA ILE D 303 -15.09 27.56 14.49
C ILE D 303 -15.33 27.22 15.96
N GLY D 304 -14.86 26.05 16.39
CA GLY D 304 -15.02 25.67 17.79
C GLY D 304 -14.31 26.63 18.73
N PHE D 305 -13.08 27.01 18.39
CA PHE D 305 -12.33 27.94 19.23
C PHE D 305 -13.02 29.30 19.28
N LEU D 306 -13.56 29.76 18.15
CA LEU D 306 -14.22 31.06 18.15
C LEU D 306 -15.54 31.02 18.92
N LEU D 307 -16.21 29.87 18.93
CA LEU D 307 -17.48 29.77 19.64
C LEU D 307 -17.32 29.69 21.15
N LEU D 308 -16.18 29.18 21.64
CA LEU D 308 -15.98 28.98 23.07
C LEU D 308 -15.25 30.13 23.73
N PHE D 309 -15.40 31.36 23.22
CA PHE D 309 -14.79 32.54 23.82
C PHE D 309 -13.28 32.37 23.93
N GLY D 310 -12.70 31.57 23.05
CA GLY D 310 -11.27 31.35 23.06
C GLY D 310 -10.78 30.65 24.31
N ASN D 311 -11.46 29.57 24.71
CA ASN D 311 -11.01 28.80 25.86
C ASN D 311 -9.57 28.38 25.68
N GLU D 312 -8.70 28.86 26.57
CA GLU D 312 -7.27 28.63 26.41
C GLU D 312 -6.93 27.15 26.41
N MET D 313 -7.68 26.35 27.16
CA MET D 313 -7.36 24.92 27.24
C MET D 313 -7.46 24.22 25.89
N MET D 314 -8.16 24.81 24.92
CA MET D 314 -8.19 24.23 23.58
C MET D 314 -6.78 24.15 23.00
N ILE D 315 -6.03 25.25 23.12
CA ILE D 315 -4.62 25.25 22.75
C ILE D 315 -3.85 24.48 23.82
N THR D 316 -2.63 24.07 23.50
CA THR D 316 -1.78 23.28 24.39
C THR D 316 -2.34 21.87 24.61
N ALA D 317 -3.40 21.53 23.92
CA ALA D 317 -3.90 20.16 23.89
C ALA D 317 -3.13 19.38 22.83
N LEU D 318 -3.59 18.17 22.53
CA LEU D 318 -2.94 17.37 21.50
C LEU D 318 -3.70 17.38 20.17
N TYR D 319 -4.73 18.21 20.05
CA TYR D 319 -5.53 18.25 18.84
C TYR D 319 -5.09 19.36 17.88
N PHE D 320 -4.56 20.45 18.40
CA PHE D 320 -4.09 21.57 17.57
C PHE D 320 -2.72 21.25 16.97
N PRO D 321 -1.73 20.93 17.80
CA PRO D 321 -0.42 20.56 17.23
C PRO D 321 -0.49 19.40 16.27
N SER D 322 -1.33 18.41 16.55
CA SER D 322 -1.49 17.29 15.62
C SER D 322 -2.04 17.77 14.29
N ILE D 323 -3.02 18.67 14.31
CA ILE D 323 -3.58 19.20 13.09
C ILE D 323 -2.51 19.91 12.28
N LEU D 324 -1.71 20.76 12.93
CA LEU D 324 -0.68 21.49 12.19
C LEU D 324 0.38 20.55 11.63
N ALA D 325 0.80 19.55 12.42
CA ALA D 325 1.81 18.60 11.93
C ALA D 325 1.29 17.81 10.74
N LEU D 326 0.06 17.31 10.83
CA LEU D 326 -0.51 16.57 9.71
C LEU D 326 -0.67 17.46 8.48
N GLY D 327 -1.04 18.72 8.68
CA GLY D 327 -1.14 19.63 7.56
C GLY D 327 0.18 19.82 6.85
N MET D 328 1.25 20.05 7.61
CA MET D 328 2.55 20.24 6.96
C MET D 328 3.00 18.95 6.28
N ILE D 329 2.76 17.80 6.92
CA ILE D 329 3.13 16.52 6.30
C ILE D 329 2.41 16.35 4.98
N ILE D 330 1.11 16.65 4.94
CA ILE D 330 0.35 16.53 3.70
C ILE D 330 0.90 17.48 2.64
N TYR D 331 1.22 18.72 3.04
CA TYR D 331 1.60 19.72 2.05
C TYR D 331 3.03 19.57 1.56
N ILE D 332 3.83 18.67 2.14
CA ILE D 332 5.17 18.41 1.64
C ILE D 332 5.32 17.00 1.09
N SER D 333 4.26 16.20 1.12
CA SER D 333 4.35 14.84 0.57
C SER D 333 4.78 14.82 -0.89
N PRO D 334 4.27 15.69 -1.76
CA PRO D 334 4.71 15.65 -3.17
C PRO D 334 6.22 15.86 -3.33
N LEU D 335 6.83 16.63 -2.44
CA LEU D 335 8.28 16.84 -2.53
C LEU D 335 9.06 15.54 -2.33
N LEU D 336 8.44 14.52 -1.75
CA LEU D 336 9.08 13.23 -1.52
C LEU D 336 8.48 12.15 -2.41
N SER D 337 7.91 12.54 -3.55
CA SER D 337 7.31 11.56 -4.45
C SER D 337 8.36 10.63 -5.07
N ASN D 338 9.63 11.00 -5.01
CA ASN D 338 10.68 10.21 -5.64
C ASN D 338 11.23 9.10 -4.75
N LEU D 339 10.86 9.08 -3.47
CA LEU D 339 11.35 8.04 -2.57
C LEU D 339 10.69 6.71 -2.89
N LYS D 340 11.49 5.66 -3.01
CA LYS D 340 11.00 4.33 -3.35
C LYS D 340 11.20 3.31 -2.26
N PHE D 341 11.75 3.70 -1.10
CA PHE D 341 12.02 2.76 -0.01
C PHE D 341 11.04 3.05 1.11
N ARG D 342 10.03 2.17 1.26
CA ARG D 342 8.92 2.48 2.15
C ARG D 342 9.33 2.66 3.61
N PRO D 343 10.15 1.79 4.19
CA PRO D 343 10.50 2.00 5.60
C PRO D 343 11.12 3.36 5.87
N ALA D 344 12.00 3.86 5.00
CA ALA D 344 12.57 5.18 5.20
C ALA D 344 11.50 6.25 5.14
N TYR D 345 10.60 6.16 4.18
CA TYR D 345 9.51 7.13 4.06
C TYR D 345 8.67 7.16 5.33
N VAL D 346 8.24 5.98 5.78
CA VAL D 346 7.37 5.91 6.96
C VAL D 346 8.09 6.42 8.19
N LEU D 347 9.35 6.03 8.37
CA LEU D 347 10.10 6.47 9.54
C LEU D 347 10.29 7.99 9.53
N PHE D 348 10.62 8.56 8.37
CA PHE D 348 10.78 10.01 8.31
C PHE D 348 9.47 10.73 8.60
N LEU D 349 8.36 10.24 8.04
CA LEU D 349 7.07 10.86 8.30
C LEU D 349 6.72 10.79 9.78
N ALA D 350 6.95 9.64 10.41
CA ALA D 350 6.66 9.50 11.83
C ALA D 350 7.51 10.44 12.67
N ILE D 351 8.80 10.55 12.34
CA ILE D 351 9.69 11.43 13.09
C ILE D 351 9.23 12.88 12.97
N ILE D 352 8.89 13.32 11.76
CA ILE D 352 8.44 14.70 11.58
C ILE D 352 7.14 14.94 12.33
N PHE D 353 6.20 14.00 12.24
CA PHE D 353 4.93 14.13 12.94
C PHE D 353 5.16 14.29 14.45
N ALA D 354 5.92 13.37 15.05
CA ALA D 354 6.14 13.43 16.48
C ALA D 354 6.89 14.69 16.88
N SER D 355 7.90 15.08 16.09
CA SER D 355 8.67 16.28 16.42
C SER D 355 7.78 17.51 16.43
N ILE D 356 6.95 17.68 15.40
CA ILE D 356 6.09 18.85 15.36
C ILE D 356 5.08 18.82 16.49
N THR D 357 4.45 17.67 16.72
CA THR D 357 3.45 17.59 17.78
C THR D 357 4.04 17.96 19.14
N LEU D 358 5.20 17.38 19.47
CA LEU D 358 5.79 17.63 20.78
C LEU D 358 6.39 19.02 20.89
N GLY D 359 6.91 19.57 19.79
CA GLY D 359 7.42 20.94 19.83
C GLY D 359 6.30 21.95 20.02
N LEU D 360 5.15 21.72 19.38
CA LEU D 360 4.03 22.63 19.55
C LEU D 360 3.42 22.50 20.94
N LYS D 361 3.19 21.27 21.41
CA LYS D 361 2.61 21.09 22.73
C LYS D 361 3.56 21.58 23.82
N ILE D 362 4.85 21.25 23.71
CA ILE D 362 5.81 21.67 24.72
C ILE D 362 6.24 23.12 24.55
N GLY D 363 6.18 23.65 23.34
CA GLY D 363 6.59 25.02 23.10
C GLY D 363 5.58 26.07 23.50
N LEU D 364 4.38 25.65 23.91
CA LEU D 364 3.35 26.58 24.35
C LEU D 364 3.00 26.41 25.82
N SER D 365 2.78 25.17 26.28
CA SER D 365 2.45 24.94 27.67
C SER D 365 3.57 25.41 28.59
N LYS D 366 4.75 24.79 28.45
CA LYS D 366 5.89 25.21 29.26
C LYS D 366 6.53 26.48 28.72
N GLY D 367 6.45 26.68 27.39
CA GLY D 367 7.06 27.86 26.81
C GLY D 367 6.38 29.15 27.23
N LEU D 368 5.05 29.16 27.24
CA LEU D 368 4.29 30.36 27.58
C LEU D 368 3.48 30.21 28.86
N GLY D 369 3.44 29.00 29.43
CA GLY D 369 2.67 28.79 30.65
C GLY D 369 1.19 29.05 30.51
N ILE D 370 0.62 28.73 29.34
CA ILE D 370 -0.77 29.00 29.08
C ILE D 370 -1.64 27.84 29.56
N GLU D 371 -2.03 27.88 30.83
CA GLU D 371 -2.99 26.92 31.40
C GLU D 371 -2.43 25.51 31.21
N ASP D 372 -3.17 24.60 30.57
CA ASP D 372 -2.79 23.19 30.40
C ASP D 372 -3.27 22.38 31.59
N ASP D 373 -3.80 21.19 31.31
CA ASP D 373 -4.37 20.31 32.33
C ASP D 373 -3.57 19.02 32.38
N ALA D 374 -3.12 18.65 33.57
CA ALA D 374 -2.26 17.47 33.76
C ALA D 374 -3.02 16.26 34.28
N HIS D 375 -4.35 16.33 34.38
CA HIS D 375 -5.10 15.21 34.94
C HIS D 375 -4.99 13.98 34.05
N ILE D 376 -5.00 14.17 32.73
CA ILE D 376 -4.85 13.04 31.83
C ILE D 376 -3.48 12.40 31.99
N PHE D 377 -2.46 13.21 32.24
CA PHE D 377 -1.09 12.74 32.37
C PHE D 377 -0.76 12.28 33.78
N ASP D 378 -1.67 12.45 34.74
CA ASP D 378 -1.39 12.06 36.11
C ASP D 378 -2.13 10.79 36.48
N ILE D 379 -3.10 10.39 35.64
CA ILE D 379 -3.79 9.12 35.83
C ILE D 379 -3.05 8.04 35.05
N LEU D 380 -1.89 8.40 34.52
CA LEU D 380 -1.03 7.45 33.81
C LEU D 380 0.31 7.22 34.48
N ARG D 381 0.97 8.28 34.97
CA ARG D 381 2.20 8.09 35.73
C ARG D 381 1.91 7.47 37.09
N SER D 382 0.69 7.65 37.60
CA SER D 382 0.32 7.03 38.87
C SER D 382 0.03 5.54 38.71
N LYS D 383 -0.24 5.10 37.49
CA LYS D 383 -0.51 3.68 37.26
C LYS D 383 0.78 2.89 37.06
N PHE D 384 1.79 3.51 36.48
CA PHE D 384 3.07 2.84 36.24
C PHE D 384 4.07 3.08 37.36
N THR D 385 4.29 4.34 37.73
CA THR D 385 5.24 4.69 38.76
C THR D 385 4.57 4.66 40.14
N SER D 386 5.26 5.16 41.16
CA SER D 386 4.73 5.25 42.51
C SER D 386 4.13 6.61 42.81
N PHE D 387 4.05 7.49 41.81
CA PHE D 387 3.41 8.79 42.00
C PHE D 387 2.03 8.62 42.61
N ALA D 388 1.85 9.12 43.83
CA ALA D 388 0.58 8.96 44.54
C ALA D 388 -0.29 10.20 44.44
N ASN D 389 0.19 11.34 44.93
CA ASN D 389 -0.56 12.59 44.85
C ASN D 389 -1.91 12.46 45.54
N PHE D 390 -2.67 13.53 45.62
CA PHE D 390 -4.02 13.48 46.17
C PHE D 390 -5.08 13.41 45.09
N HIS D 391 -5.04 14.32 44.12
CA HIS D 391 -6.04 14.32 43.06
C HIS D 391 -6.03 13.02 42.28
N THR D 392 -4.84 12.54 41.89
CA THR D 392 -4.75 11.25 41.24
C THR D 392 -5.29 10.15 42.14
N ARG D 393 -5.15 10.31 43.45
CA ARG D 393 -5.74 9.35 44.38
C ARG D 393 -7.25 9.36 44.29
N LEU D 394 -7.85 10.55 44.14
CA LEU D 394 -9.29 10.62 43.95
C LEU D 394 -9.71 9.97 42.63
N TYR D 395 -8.91 10.19 41.58
CA TYR D 395 -9.27 9.64 40.27
C TYR D 395 -9.13 8.12 40.24
N THR D 396 -8.05 7.60 40.81
CA THR D 396 -7.72 6.18 40.71
C THR D 396 -8.59 5.29 41.59
N CYS D 397 -9.19 5.83 42.66
CA CYS D 397 -10.03 5.03 43.54
C CYS D 397 -11.50 5.02 43.14
N SER D 398 -11.85 5.63 42.01
CA SER D 398 -13.25 5.69 41.61
C SER D 398 -13.73 4.37 41.04
N ALA D 399 -12.82 3.57 40.49
CA ALA D 399 -13.06 2.29 39.81
C ALA D 399 -13.57 2.47 38.39
N GLU D 400 -13.79 3.71 37.94
CA GLU D 400 -14.04 4.01 36.53
C GLU D 400 -12.87 4.73 35.89
N PHE D 401 -11.77 4.93 36.62
CA PHE D 401 -10.51 5.38 36.06
C PHE D 401 -9.41 4.35 36.26
N ASP D 402 -9.76 3.14 36.64
CA ASP D 402 -8.81 2.08 36.91
C ASP D 402 -8.76 1.11 35.72
N PHE D 403 -7.95 0.06 35.88
CA PHE D 403 -7.81 -0.94 34.83
C PHE D 403 -9.16 -1.60 34.56
N ILE D 404 -9.43 -1.85 33.28
CA ILE D 404 -10.65 -2.57 32.92
C ILE D 404 -10.61 -3.96 33.54
N GLN D 405 -11.65 -4.30 34.29
CA GLN D 405 -11.64 -5.54 35.04
C GLN D 405 -11.89 -6.74 34.15
N TYR D 406 -11.58 -7.92 34.67
CA TYR D 406 -11.66 -9.14 33.88
C TYR D 406 -13.09 -9.49 33.51
N SER D 407 -14.05 -9.15 34.38
CA SER D 407 -15.44 -9.57 34.15
C SER D 407 -15.99 -8.95 32.87
N THR D 408 -15.57 -7.72 32.54
CA THR D 408 -16.02 -7.11 31.30
C THR D 408 -15.54 -7.90 30.09
N ILE D 409 -14.29 -8.34 30.11
CA ILE D 409 -13.77 -9.14 29.01
C ILE D 409 -14.46 -10.49 28.96
N GLU D 410 -14.77 -11.06 30.12
CA GLU D 410 -15.52 -12.33 30.13
C GLU D 410 -16.88 -12.15 29.46
N LYS D 411 -17.59 -11.09 29.81
CA LYS D 411 -18.90 -10.82 29.22
C LYS D 411 -18.83 -10.48 27.74
N LEU D 412 -17.77 -9.82 27.29
CA LEU D 412 -17.61 -9.56 25.87
C LEU D 412 -17.29 -10.83 25.08
N CYS D 413 -16.35 -11.65 25.56
CA CYS D 413 -16.04 -12.89 24.86
C CYS D 413 -17.18 -13.89 24.94
N GLY D 414 -18.08 -13.71 25.90
CA GLY D 414 -19.27 -14.55 25.93
C GLY D 414 -20.15 -14.37 24.71
N THR D 415 -20.29 -13.12 24.24
CA THR D 415 -21.09 -12.86 23.05
C THR D 415 -20.27 -13.08 21.79
N LEU D 416 -19.01 -13.49 21.95
CA LEU D 416 -18.15 -13.78 20.80
C LEU D 416 -17.81 -12.51 20.04
N LEU D 417 -18.14 -11.35 20.60
CA LEU D 417 -17.78 -10.08 19.96
C LEU D 417 -16.29 -9.99 19.74
N ILE D 418 -15.49 -10.52 20.67
CA ILE D 418 -14.04 -10.43 20.58
C ILE D 418 -13.50 -11.41 19.54
N PRO D 419 -13.80 -12.71 19.64
CA PRO D 419 -13.22 -13.66 18.67
C PRO D 419 -13.51 -13.30 17.23
N LEU D 420 -14.71 -12.81 16.94
CA LEU D 420 -15.00 -12.36 15.57
C LEU D 420 -14.09 -11.21 15.18
N ALA D 421 -13.87 -10.26 16.09
CA ALA D 421 -12.95 -9.16 15.80
C ALA D 421 -11.55 -9.68 15.53
N LEU D 422 -11.08 -10.64 16.32
CA LEU D 422 -9.75 -11.20 16.10
C LEU D 422 -9.66 -11.88 14.74
N ILE D 423 -10.68 -12.67 14.37
CA ILE D 423 -10.64 -13.34 13.08
C ILE D 423 -10.64 -12.34 11.94
N SER D 424 -11.48 -11.30 12.04
CA SER D 424 -11.52 -10.29 10.98
C SER D 424 -10.20 -9.55 10.87
N LEU D 425 -9.60 -9.19 12.00
CA LEU D 425 -8.32 -8.49 11.98
C LEU D 425 -7.23 -9.36 11.38
N VAL D 426 -7.19 -10.64 11.75
CA VAL D 426 -6.19 -11.54 11.19
C VAL D 426 -6.38 -11.68 9.69
N THR D 427 -7.63 -11.83 9.25
CA THR D 427 -7.91 -11.92 7.81
C THR D 427 -7.42 -10.67 7.08
N PHE D 428 -7.74 -9.49 7.62
CA PHE D 428 -7.34 -8.27 6.95
C PHE D 428 -5.82 -8.12 6.90
N VAL D 429 -5.14 -8.45 8.01
CA VAL D 429 -3.68 -8.36 8.02
C VAL D 429 -3.08 -9.33 7.02
N PHE D 430 -3.61 -10.54 6.95
CA PHE D 430 -3.14 -11.53 5.98
C PHE D 430 -3.31 -11.01 4.56
N ASN D 431 -4.48 -10.46 4.24
CA ASN D 431 -4.71 -9.90 2.92
C ASN D 431 -3.75 -8.76 2.62
N PHE D 432 -3.56 -7.85 3.57
CA PHE D 432 -2.67 -6.71 3.35
C PHE D 432 -1.24 -7.17 3.12
N VAL D 433 -0.78 -8.16 3.88
CA VAL D 433 0.58 -8.67 3.69
C VAL D 433 0.72 -9.31 2.31
N LYS D 434 -0.27 -10.12 1.92
CA LYS D 434 -0.17 -10.82 0.63
C LYS D 434 -0.18 -9.84 -0.53
N ASN D 435 -1.07 -8.85 -0.50
CA ASN D 435 -1.33 -8.01 -1.66
C ASN D 435 -0.58 -6.69 -1.64
N THR D 436 0.48 -6.56 -0.85
CA THR D 436 1.24 -5.32 -0.77
C THR D 436 2.73 -5.61 -0.77
N ASN D 437 3.49 -4.72 -1.39
CA ASN D 437 4.96 -4.76 -1.34
C ASN D 437 5.39 -3.81 -0.24
N LEU D 438 5.84 -4.37 0.88
CA LEU D 438 6.08 -3.57 2.08
C LEU D 438 7.31 -2.69 1.95
N LEU D 439 8.40 -3.23 1.43
CA LEU D 439 9.67 -2.49 1.45
C LEU D 439 9.66 -1.34 0.44
N TRP D 440 9.21 -1.59 -0.78
CA TRP D 440 9.32 -0.63 -1.87
C TRP D 440 7.94 -0.05 -2.18
N ARG D 441 7.90 1.26 -2.40
CA ARG D 441 6.65 1.99 -2.59
C ARG D 441 6.61 2.64 -3.95
N ASN D 442 5.41 2.75 -4.51
CA ASN D 442 5.15 3.47 -5.74
C ASN D 442 4.24 4.66 -5.43
N SER D 443 4.70 5.86 -5.81
CA SER D 443 3.96 7.07 -5.45
C SER D 443 2.63 7.17 -6.20
N GLU D 444 2.61 6.72 -7.46
CA GLU D 444 1.44 6.98 -8.31
C GLU D 444 0.24 6.12 -7.91
N GLU D 445 0.47 4.84 -7.64
CA GLU D 445 -0.61 3.89 -7.43
C GLU D 445 -1.08 3.93 -5.98
N ILE D 446 -2.40 3.80 -5.79
CA ILE D 446 -2.99 3.77 -4.46
C ILE D 446 -3.12 2.32 -4.01
N GLY D 447 -3.14 2.11 -2.69
CA GLY D 447 -3.11 0.76 -2.17
C GLY D 447 -4.44 0.04 -2.26
N GLU D 448 -5.55 0.79 -2.16
CA GLU D 448 -6.88 0.21 -2.14
C GLU D 448 -7.26 -0.23 -0.73
N ASN D 449 -8.56 -0.20 -0.41
CA ASN D 449 -9.04 -0.59 0.92
C ASN D 449 -8.38 0.25 2.01
N GLY D 450 -8.46 1.58 1.89
CA GLY D 450 -7.88 2.45 2.89
C GLY D 450 -8.73 2.55 4.14
N GLU D 451 -10.05 2.58 3.98
CA GLU D 451 -10.94 2.77 5.12
C GLU D 451 -10.83 1.60 6.11
N ILE D 452 -10.64 0.39 5.60
CA ILE D 452 -10.51 -0.76 6.49
C ILE D 452 -9.28 -0.61 7.39
N LEU D 453 -8.15 -0.21 6.82
CA LEU D 453 -6.96 0.01 7.63
C LEU D 453 -7.15 1.16 8.60
N TYR D 454 -7.81 2.23 8.16
CA TYR D 454 -8.08 3.35 9.05
C TYR D 454 -8.89 2.92 10.26
N ASN D 455 -9.99 2.19 10.02
CA ASN D 455 -10.82 1.70 11.13
C ASN D 455 -10.05 0.73 12.01
N VAL D 456 -9.22 -0.12 11.42
CA VAL D 456 -8.45 -1.07 12.21
C VAL D 456 -7.48 -0.34 13.13
N VAL D 457 -6.83 0.71 12.64
CA VAL D 457 -5.89 1.46 13.47
C VAL D 457 -6.63 2.18 14.59
N GLN D 458 -7.79 2.76 14.28
CA GLN D 458 -8.57 3.39 15.35
C GLN D 458 -9.02 2.36 16.38
N LEU D 459 -9.31 1.14 15.94
CA LEU D 459 -9.67 0.09 16.89
C LEU D 459 -8.55 -0.20 17.87
N CYS D 460 -7.31 -0.30 17.37
CA CYS D 460 -6.17 -0.53 18.25
C CYS D 460 -5.96 0.65 19.21
N CYS D 461 -6.06 1.88 18.70
CA CYS D 461 -5.93 3.03 19.59
C CYS D 461 -6.99 3.01 20.69
N SER D 462 -8.25 2.73 20.32
CA SER D 462 -9.33 2.72 21.29
C SER D 462 -9.15 1.60 22.31
N THR D 463 -8.69 0.42 21.87
CA THR D 463 -8.48 -0.67 22.80
C THR D 463 -7.34 -0.36 23.77
N VAL D 464 -6.25 0.24 23.28
CA VAL D 464 -5.17 0.64 24.18
C VAL D 464 -5.63 1.70 25.17
N MET D 465 -6.52 2.60 24.76
CA MET D 465 -7.11 3.54 25.71
C MET D 465 -7.96 2.81 26.75
N ALA D 466 -8.86 1.96 26.30
CA ALA D 466 -9.83 1.34 27.20
C ALA D 466 -9.15 0.43 28.22
N PHE D 467 -8.14 -0.33 27.80
CA PHE D 467 -7.51 -1.26 28.74
C PHE D 467 -6.88 -0.53 29.92
N LEU D 468 -6.23 0.60 29.67
CA LEU D 468 -5.65 1.38 30.75
C LEU D 468 -6.75 1.89 31.68
N ILE D 469 -7.74 2.57 31.13
CA ILE D 469 -8.81 3.17 31.92
C ILE D 469 -10.14 2.55 31.51
N MET D 470 -10.83 1.95 32.45
CA MET D 470 -12.23 1.62 32.23
C MET D 470 -13.00 2.92 31.99
N ARG D 471 -14.24 2.79 31.56
CA ARG D 471 -15.15 3.87 31.20
C ARG D 471 -14.81 4.46 29.83
N LEU D 472 -13.71 4.04 29.20
CA LEU D 472 -13.47 4.35 27.81
C LEU D 472 -13.77 3.17 26.91
N LYS D 473 -14.31 2.08 27.47
CA LYS D 473 -14.90 1.04 26.64
C LYS D 473 -15.98 1.58 25.72
N LEU D 474 -16.47 2.79 26.00
CA LEU D 474 -17.40 3.46 25.10
C LEU D 474 -16.83 3.54 23.68
N PHE D 475 -15.52 3.69 23.56
CA PHE D 475 -14.90 3.75 22.23
C PHE D 475 -14.46 2.37 21.76
N MET D 476 -14.10 1.48 22.69
CA MET D 476 -13.55 0.19 22.29
C MET D 476 -14.64 -0.76 21.79
N THR D 477 -15.85 -0.65 22.34
CA THR D 477 -16.89 -1.60 21.97
C THR D 477 -17.53 -1.29 20.63
N PRO D 478 -17.94 -0.05 20.33
CA PRO D 478 -18.48 0.22 18.99
C PRO D 478 -17.49 -0.10 17.89
N HIS D 479 -16.20 0.12 18.12
CA HIS D 479 -15.21 -0.22 17.11
C HIS D 479 -15.04 -1.73 16.98
N LEU D 480 -15.22 -2.48 18.08
CA LEU D 480 -15.26 -3.93 17.96
C LEU D 480 -16.45 -4.36 17.10
N CYS D 481 -17.61 -3.76 17.33
CA CYS D 481 -18.77 -4.08 16.51
C CYS D 481 -18.51 -3.77 15.04
N ILE D 482 -17.90 -2.62 14.76
CA ILE D 482 -17.60 -2.25 13.38
C ILE D 482 -16.65 -3.27 12.76
N VAL D 483 -15.48 -3.47 13.38
CA VAL D 483 -14.48 -4.36 12.82
C VAL D 483 -14.98 -5.80 12.72
N ALA D 484 -16.03 -6.16 13.46
CA ALA D 484 -16.59 -7.49 13.32
C ALA D 484 -17.31 -7.69 11.99
N ALA D 485 -17.58 -6.61 11.24
CA ALA D 485 -18.25 -6.73 9.97
C ALA D 485 -17.31 -7.15 8.84
N LEU D 486 -16.00 -7.02 9.04
CA LEU D 486 -15.05 -7.44 8.01
C LEU D 486 -15.12 -8.93 7.75
N PHE D 487 -15.72 -9.70 8.66
CA PHE D 487 -15.86 -11.14 8.47
C PHE D 487 -16.80 -11.48 7.32
N ALA D 488 -17.58 -10.51 6.85
CA ALA D 488 -18.55 -10.74 5.77
C ALA D 488 -18.11 -10.12 4.45
N ASN D 489 -16.89 -9.61 4.36
CA ASN D 489 -16.39 -9.07 3.11
C ASN D 489 -16.06 -10.20 2.15
N SER D 490 -16.42 -10.04 0.88
CA SER D 490 -16.10 -11.05 -0.12
C SER D 490 -14.60 -11.03 -0.46
N LYS D 491 -14.05 -9.84 -0.68
CA LYS D 491 -12.65 -9.74 -1.05
C LYS D 491 -11.73 -10.26 0.06
N LEU D 492 -12.04 -9.93 1.31
CA LEU D 492 -11.18 -10.31 2.41
C LEU D 492 -11.19 -11.81 2.68
N LEU D 493 -12.26 -12.51 2.28
CA LEU D 493 -12.44 -13.89 2.70
C LEU D 493 -12.46 -14.85 1.51
N GLY D 494 -11.51 -14.69 0.59
CA GLY D 494 -11.35 -15.58 -0.53
C GLY D 494 -11.87 -15.06 -1.84
N GLY D 495 -12.63 -13.96 -1.83
CA GLY D 495 -13.21 -13.43 -3.04
C GLY D 495 -14.26 -14.35 -3.63
N ASP D 496 -14.07 -14.77 -4.88
CA ASP D 496 -15.01 -15.64 -5.55
C ASP D 496 -14.65 -17.12 -5.42
N ARG D 497 -13.61 -17.46 -4.65
CA ARG D 497 -13.20 -18.84 -4.50
C ARG D 497 -14.23 -19.70 -3.76
N ILE D 498 -15.22 -19.09 -3.12
CA ILE D 498 -16.19 -19.82 -2.32
C ILE D 498 -17.61 -19.68 -2.88
N SER D 499 -17.75 -19.27 -4.14
CA SER D 499 -19.06 -19.20 -4.77
C SER D 499 -19.95 -18.20 -4.06
N LYS D 500 -21.27 -18.29 -4.31
CA LYS D 500 -22.24 -17.40 -3.71
C LYS D 500 -23.22 -18.09 -2.79
N THR D 501 -23.63 -19.33 -3.09
CA THR D 501 -24.53 -20.05 -2.20
C THR D 501 -23.88 -20.30 -0.84
N ILE D 502 -22.58 -20.58 -0.83
CA ILE D 502 -21.89 -20.87 0.42
C ILE D 502 -21.78 -19.64 1.28
N ARG D 503 -21.44 -18.49 0.68
CA ARG D 503 -21.21 -17.29 1.48
C ARG D 503 -22.46 -16.89 2.26
N VAL D 504 -23.62 -16.94 1.62
CA VAL D 504 -24.86 -16.64 2.34
C VAL D 504 -25.08 -17.65 3.46
N SER D 505 -24.87 -18.94 3.17
CA SER D 505 -25.07 -19.96 4.18
C SER D 505 -24.12 -19.79 5.36
N ALA D 506 -22.85 -19.46 5.07
CA ALA D 506 -21.88 -19.28 6.14
C ALA D 506 -22.23 -18.07 7.02
N LEU D 507 -22.82 -17.04 6.41
CA LEU D 507 -23.14 -15.84 7.18
C LEU D 507 -24.47 -15.97 7.91
N VAL D 508 -25.37 -16.82 7.42
CA VAL D 508 -26.60 -17.07 8.17
C VAL D 508 -26.30 -17.92 9.39
N GLY D 509 -25.38 -18.88 9.28
CA GLY D 509 -25.02 -19.68 10.42
C GLY D 509 -24.40 -18.86 11.55
N VAL D 510 -23.53 -17.91 11.19
CA VAL D 510 -22.92 -17.06 12.21
C VAL D 510 -23.98 -16.25 12.94
N ILE D 511 -24.91 -15.64 12.19
CA ILE D 511 -25.95 -14.85 12.83
C ILE D 511 -26.84 -15.71 13.69
N ALA D 512 -27.13 -16.94 13.25
CA ALA D 512 -27.91 -17.85 14.08
C ALA D 512 -27.18 -18.20 15.36
N ILE D 513 -25.85 -18.37 15.28
CA ILE D 513 -25.08 -18.67 16.48
C ILE D 513 -25.12 -17.49 17.45
N LEU D 514 -24.92 -16.27 16.94
CA LEU D 514 -24.95 -15.10 17.81
C LEU D 514 -26.26 -14.99 18.56
N PHE D 515 -27.39 -15.18 17.86
CA PHE D 515 -28.68 -15.06 18.51
C PHE D 515 -28.84 -16.06 19.65
N TYR D 516 -28.05 -17.14 19.63
CA TYR D 516 -28.10 -18.10 20.72
C TYR D 516 -27.39 -17.56 21.95
N ARG D 517 -26.45 -16.64 21.78
CA ARG D 517 -25.67 -16.09 22.88
C ARG D 517 -25.96 -14.62 23.12
N GLY D 518 -27.05 -14.09 22.57
CA GLY D 518 -27.36 -12.68 22.75
C GLY D 518 -28.67 -12.42 23.46
N ILE D 519 -29.63 -13.33 23.32
CA ILE D 519 -30.95 -13.14 23.92
C ILE D 519 -30.85 -13.00 25.43
N PRO D 520 -30.12 -13.87 26.16
CA PRO D 520 -30.06 -13.71 27.62
C PRO D 520 -29.57 -12.35 28.08
N ASN D 521 -28.64 -11.73 27.35
CA ASN D 521 -28.17 -10.41 27.73
C ASN D 521 -29.30 -9.39 27.68
N ILE D 522 -30.09 -9.42 26.61
CA ILE D 522 -31.23 -8.50 26.51
C ILE D 522 -32.26 -8.80 27.59
N ARG D 523 -32.48 -10.09 27.86
CA ARG D 523 -33.41 -10.45 28.93
C ARG D 523 -32.97 -9.83 30.26
N GLN D 524 -31.69 -9.98 30.60
CA GLN D 524 -31.20 -9.43 31.86
C GLN D 524 -31.29 -7.91 31.87
N GLN D 525 -30.94 -7.26 30.76
CA GLN D 525 -30.98 -5.80 30.75
C GLN D 525 -32.40 -5.28 30.92
N LEU D 526 -33.38 -5.92 30.29
CA LEU D 526 -34.76 -5.47 30.47
C LEU D 526 -35.28 -5.81 31.87
N ASN D 527 -34.86 -6.95 32.42
CA ASN D 527 -35.39 -7.36 33.72
C ASN D 527 -34.93 -6.42 34.84
N VAL D 528 -33.78 -5.78 34.67
CA VAL D 528 -33.18 -4.96 35.73
C VAL D 528 -34.17 -3.88 36.17
N LYS D 529 -34.24 -3.67 37.49
CA LYS D 529 -35.06 -2.60 38.08
C LYS D 529 -34.21 -1.80 39.05
N GLY D 530 -34.37 -0.48 39.04
CA GLY D 530 -33.60 0.39 39.91
C GLY D 530 -34.32 0.75 41.19
N GLU D 531 -33.61 1.50 42.03
CA GLU D 531 -34.12 1.96 43.32
C GLU D 531 -34.26 3.47 43.32
N TYR D 532 -35.29 3.98 44.01
CA TYR D 532 -35.61 5.40 43.96
C TYR D 532 -36.05 5.94 45.32
N SER D 533 -35.53 5.38 46.41
CA SER D 533 -36.01 5.81 47.73
C SER D 533 -35.34 7.09 48.19
N ASN D 534 -34.01 7.04 48.42
CA ASN D 534 -33.19 8.17 48.85
C ASN D 534 -33.96 9.14 49.74
N PRO D 535 -34.42 8.71 50.93
CA PRO D 535 -35.25 9.60 51.75
C PRO D 535 -34.45 10.58 52.59
N ASP D 536 -33.21 10.23 52.94
CA ASP D 536 -32.41 11.11 53.79
C ASP D 536 -32.15 12.46 53.12
N GLN D 537 -31.73 12.44 51.86
CA GLN D 537 -31.41 13.69 51.18
C GLN D 537 -32.65 14.57 51.04
N GLU D 538 -33.82 13.97 50.87
CA GLU D 538 -35.04 14.77 50.80
C GLU D 538 -35.26 15.54 52.09
N MET D 539 -35.09 14.89 53.24
CA MET D 539 -35.24 15.58 54.52
C MET D 539 -34.16 16.64 54.69
N LEU D 540 -32.93 16.33 54.30
CA LEU D 540 -31.86 17.33 54.43
C LEU D 540 -32.15 18.55 53.60
N PHE D 541 -32.65 18.37 52.37
CA PHE D 541 -32.95 19.52 51.52
C PHE D 541 -34.17 20.28 52.02
N ASP D 542 -35.14 19.59 52.60
CA ASP D 542 -36.25 20.29 53.24
C ASP D 542 -35.74 21.18 54.37
N TRP D 543 -34.85 20.64 55.20
CA TRP D 543 -34.26 21.45 56.28
C TRP D 543 -33.50 22.64 55.72
N ILE D 544 -32.71 22.42 54.67
CA ILE D 544 -31.93 23.52 54.09
C ILE D 544 -32.86 24.60 53.56
N GLN D 545 -33.93 24.21 52.87
CA GLN D 545 -34.86 25.20 52.33
C GLN D 545 -35.57 25.96 53.45
N HIS D 546 -35.87 25.31 54.57
CA HIS D 546 -36.66 25.95 55.61
C HIS D 546 -35.85 26.81 56.57
N ASN D 547 -34.71 26.31 57.06
CA ASN D 547 -34.05 26.90 58.22
C ASN D 547 -32.80 27.69 57.88
N THR D 548 -32.61 28.08 56.62
CA THR D 548 -31.46 28.87 56.24
C THR D 548 -31.88 29.97 55.27
N LYS D 549 -31.10 31.05 55.26
CA LYS D 549 -31.40 32.18 54.39
C LYS D 549 -31.09 31.84 52.93
N GLN D 550 -31.60 32.68 52.03
CA GLN D 550 -31.47 32.42 50.60
C GLN D 550 -30.06 32.70 50.08
N ASP D 551 -29.21 33.36 50.87
CA ASP D 551 -27.88 33.77 50.42
C ASP D 551 -26.77 33.02 51.15
N ALA D 552 -27.10 31.99 51.92
CA ALA D 552 -26.08 31.23 52.61
C ALA D 552 -25.17 30.52 51.61
N VAL D 553 -23.93 30.32 52.01
CA VAL D 553 -22.91 29.67 51.18
C VAL D 553 -22.64 28.29 51.76
N PHE D 554 -22.75 27.26 50.92
CA PHE D 554 -22.60 25.89 51.35
C PHE D 554 -21.30 25.29 50.82
N ALA D 555 -20.72 24.40 51.62
CA ALA D 555 -19.51 23.67 51.23
C ALA D 555 -19.53 22.30 51.88
N GLY D 556 -19.02 21.31 51.16
CA GLY D 556 -19.07 19.94 51.65
C GLY D 556 -18.66 18.97 50.55
N THR D 557 -18.94 17.69 50.75
CA THR D 557 -18.48 16.63 49.81
C THR D 557 -18.95 16.95 48.39
N MET D 558 -18.18 16.64 47.35
CA MET D 558 -18.55 17.10 46.00
C MET D 558 -19.87 16.54 45.50
N PRO D 559 -20.28 15.26 45.64
CA PRO D 559 -21.58 14.82 45.14
C PRO D 559 -22.80 15.49 45.79
N VAL D 560 -22.79 15.73 47.10
CA VAL D 560 -23.89 16.43 47.85
C VAL D 560 -23.93 17.87 47.35
N MET D 561 -22.81 18.59 47.20
CA MET D 561 -22.90 20.00 46.83
C MET D 561 -23.54 20.18 45.46
N ALA D 562 -23.31 19.24 44.55
CA ALA D 562 -23.95 19.33 43.24
C ALA D 562 -25.47 19.37 43.37
N ASN D 563 -26.04 18.44 44.16
CA ASN D 563 -27.48 18.42 44.37
C ASN D 563 -27.94 19.61 45.21
N VAL D 564 -27.11 20.07 46.15
CA VAL D 564 -27.48 21.23 46.95
C VAL D 564 -27.64 22.45 46.05
N LYS D 565 -26.82 22.55 45.01
CA LYS D 565 -27.01 23.64 44.05
C LYS D 565 -28.21 23.38 43.15
N LEU D 566 -28.36 22.14 42.67
CA LEU D 566 -29.42 21.86 41.70
C LEU D 566 -30.79 22.15 42.30
N THR D 567 -31.01 21.77 43.55
CA THR D 567 -32.24 22.06 44.27
C THR D 567 -31.91 22.85 45.52
N THR D 568 -32.80 23.76 45.91
CA THR D 568 -32.65 24.74 46.98
C THR D 568 -31.84 25.95 46.53
N LEU D 569 -31.30 25.96 45.31
CA LEU D 569 -30.69 27.15 44.71
C LEU D 569 -29.78 27.89 45.69
N ARG D 570 -29.03 27.14 46.50
CA ARG D 570 -28.11 27.85 47.37
C ARG D 570 -26.72 27.93 46.75
N PRO D 571 -26.03 29.05 46.90
CA PRO D 571 -24.68 29.16 46.35
C PRO D 571 -23.76 28.11 46.96
N ILE D 572 -22.85 27.60 46.14
CA ILE D 572 -21.93 26.55 46.53
C ILE D 572 -20.50 27.02 46.28
N VAL D 573 -19.56 26.39 46.99
CA VAL D 573 -18.16 26.77 46.93
C VAL D 573 -17.33 25.79 46.11
N ASN D 574 -17.72 24.52 46.08
CA ASN D 574 -17.04 23.53 45.27
C ASN D 574 -18.07 22.58 44.67
N HIS D 575 -17.78 22.14 43.45
CA HIS D 575 -18.73 21.36 42.65
C HIS D 575 -18.07 20.10 42.10
N PRO D 576 -18.82 19.25 41.38
CA PRO D 576 -18.25 17.99 40.90
C PRO D 576 -17.45 18.08 39.62
N HIS D 577 -17.36 19.26 38.99
CA HIS D 577 -16.57 19.42 37.76
C HIS D 577 -15.13 19.73 38.15
N TYR D 578 -14.25 18.77 37.91
CA TYR D 578 -12.92 18.77 38.50
C TYR D 578 -11.78 18.94 37.50
N GLU D 579 -12.08 19.15 36.23
CA GLU D 579 -11.02 19.27 35.21
C GLU D 579 -10.17 20.54 35.38
N HIS D 580 -10.72 21.74 35.40
CA HIS D 580 -9.96 22.98 35.28
C HIS D 580 -9.23 23.30 36.58
N VAL D 581 -8.18 24.10 36.47
CA VAL D 581 -7.48 24.60 37.64
C VAL D 581 -8.28 25.74 38.27
N GLY D 582 -7.99 26.01 39.53
CA GLY D 582 -8.78 26.92 40.34
C GLY D 582 -9.84 26.22 41.17
N ILE D 583 -10.20 24.99 40.81
CA ILE D 583 -11.08 24.17 41.62
C ILE D 583 -10.32 23.07 42.35
N ARG D 584 -9.18 22.62 41.81
CA ARG D 584 -8.37 21.62 42.51
C ARG D 584 -7.88 22.16 43.84
N GLU D 585 -7.43 23.41 43.87
CA GLU D 585 -7.00 24.03 45.10
C GLU D 585 -8.17 24.35 46.03
N ARG D 586 -9.35 24.62 45.48
CA ARG D 586 -10.54 24.76 46.33
C ARG D 586 -10.88 23.44 47.01
N THR D 587 -10.82 22.34 46.26
CA THR D 587 -11.07 21.03 46.85
C THR D 587 -10.03 20.68 47.90
N LEU D 588 -8.75 20.94 47.60
CA LEU D 588 -7.70 20.62 48.57
C LEU D 588 -7.91 21.37 49.89
N LYS D 589 -8.56 22.53 49.85
CA LYS D 589 -8.85 23.27 51.08
C LYS D 589 -10.13 22.75 51.74
N VAL D 590 -11.19 22.57 50.96
CA VAL D 590 -12.48 22.17 51.54
C VAL D 590 -12.37 20.80 52.20
N TYR D 591 -11.72 19.85 51.53
CA TYR D 591 -11.59 18.51 52.08
C TYR D 591 -10.63 18.43 53.26
N SER D 592 -10.11 19.57 53.72
CA SER D 592 -9.24 19.57 54.90
C SER D 592 -9.97 19.17 56.17
N MET D 593 -11.30 19.22 56.17
CA MET D 593 -12.07 18.89 57.37
C MET D 593 -11.86 17.44 57.81
N PHE D 594 -11.49 16.56 56.88
CA PHE D 594 -11.26 15.16 57.21
C PHE D 594 -9.79 14.87 57.54
N SER D 595 -8.95 15.90 57.62
CA SER D 595 -7.52 15.72 57.85
C SER D 595 -7.24 15.70 59.35
N LYS D 596 -5.96 15.74 59.70
CA LYS D 596 -5.52 15.75 61.09
C LYS D 596 -5.02 17.12 61.53
N LYS D 597 -5.25 18.15 60.72
CA LYS D 597 -4.79 19.48 61.06
C LYS D 597 -5.53 20.00 62.29
N PRO D 598 -4.95 20.98 62.99
CA PRO D 598 -5.64 21.55 64.15
C PRO D 598 -6.99 22.13 63.75
N ILE D 599 -7.98 21.97 64.63
CA ILE D 599 -9.33 22.43 64.33
C ILE D 599 -9.35 23.94 64.13
N ALA D 600 -8.49 24.67 64.85
CA ALA D 600 -8.44 26.11 64.68
C ALA D 600 -8.07 26.48 63.25
N GLU D 601 -7.09 25.79 62.68
CA GLU D 601 -6.66 26.10 61.31
C GLU D 601 -7.76 25.81 60.30
N VAL D 602 -8.48 24.70 60.47
CA VAL D 602 -9.55 24.38 59.53
C VAL D 602 -10.69 25.39 59.66
N HIS D 603 -10.98 25.82 60.89
CA HIS D 603 -11.99 26.86 61.06
C HIS D 603 -11.56 28.16 60.40
N LYS D 604 -10.29 28.53 60.53
CA LYS D 604 -9.79 29.73 59.87
C LYS D 604 -9.90 29.60 58.35
N ILE D 605 -9.58 28.42 57.82
CA ILE D 605 -9.69 28.20 56.38
C ILE D 605 -11.12 28.36 55.93
N MET D 606 -12.06 27.75 56.65
CA MET D 606 -13.46 27.86 56.27
C MET D 606 -13.94 29.29 56.34
N LYS D 607 -13.56 30.03 57.38
CA LYS D 607 -13.97 31.43 57.48
C LYS D 607 -13.39 32.25 56.34
N GLU D 608 -12.13 32.01 56.00
CA GLU D 608 -11.50 32.74 54.90
C GLU D 608 -12.21 32.46 53.58
N MET D 609 -12.54 31.20 53.32
CA MET D 609 -13.25 30.86 52.09
C MET D 609 -14.61 31.51 52.03
N GLY D 610 -15.17 31.91 53.18
CA GLY D 610 -16.48 32.53 53.21
C GLY D 610 -17.65 31.57 53.28
N VAL D 611 -17.39 30.28 53.48
CA VAL D 611 -18.45 29.30 53.56
C VAL D 611 -19.12 29.38 54.93
N ASN D 612 -20.43 29.13 54.96
CA ASN D 612 -21.21 29.14 56.19
C ASN D 612 -21.49 27.74 56.74
N TYR D 613 -21.93 26.83 55.89
CA TYR D 613 -22.32 25.49 56.33
C TYR D 613 -21.49 24.44 55.61
N PHE D 614 -21.05 23.43 56.36
CA PHE D 614 -20.34 22.29 55.81
C PHE D 614 -21.21 21.05 55.99
N VAL D 615 -21.67 20.48 54.87
CA VAL D 615 -22.57 19.34 54.87
C VAL D 615 -21.82 18.12 54.37
N PHE D 616 -21.89 17.03 55.13
CA PHE D 616 -21.20 15.81 54.75
C PHE D 616 -21.98 14.62 55.29
N GLN D 617 -21.38 13.44 55.18
CA GLN D 617 -22.02 12.19 55.58
C GLN D 617 -21.10 11.45 56.56
N LEU D 618 -21.72 10.81 57.55
CA LEU D 618 -20.96 10.08 58.55
C LEU D 618 -20.31 8.82 58.01
N MET D 619 -20.65 8.41 56.79
CA MET D 619 -19.99 7.27 56.17
C MET D 619 -18.65 7.62 55.53
N ASN D 620 -18.34 8.91 55.38
CA ASN D 620 -17.08 9.32 54.79
C ASN D 620 -15.91 9.15 55.74
N CYS D 621 -16.14 9.17 57.05
CA CYS D 621 -15.08 9.14 58.04
C CYS D 621 -15.06 7.81 58.79
N SER D 622 -15.29 6.72 58.08
CA SER D 622 -15.20 5.38 58.64
C SER D 622 -14.02 4.64 58.05
N ASN D 623 -13.25 3.98 58.90
CA ASN D 623 -12.05 3.29 58.46
C ASN D 623 -12.43 2.14 57.52
N ASP D 624 -11.55 1.87 56.56
CA ASP D 624 -11.78 0.84 55.54
C ASP D 624 -11.05 -0.45 55.86
N GLU D 625 -9.75 -0.39 56.15
CA GLU D 625 -8.93 -1.54 56.52
C GLU D 625 -8.95 -2.61 55.44
N ARG D 626 -9.59 -2.32 54.31
CA ARG D 626 -9.69 -3.24 53.19
C ARG D 626 -9.02 -2.70 51.93
N ARG D 627 -9.18 -1.40 51.65
CA ARG D 627 -8.51 -0.75 50.53
C ARG D 627 -7.93 0.57 51.01
N PRO D 628 -6.86 0.53 51.82
CA PRO D 628 -6.21 1.77 52.24
C PRO D 628 -5.79 2.61 51.05
N GLU D 629 -5.41 3.87 51.29
CA GLU D 629 -5.09 4.82 50.23
C GLU D 629 -6.23 4.94 49.23
N CYS D 630 -7.46 4.74 49.70
CA CYS D 630 -8.67 5.09 48.95
C CYS D 630 -9.73 5.70 49.85
N VAL D 631 -9.41 5.92 51.12
CA VAL D 631 -10.30 6.56 52.06
C VAL D 631 -9.67 7.88 52.49
N TYR D 632 -10.53 8.83 52.86
CA TYR D 632 -10.05 10.18 53.16
C TYR D 632 -9.05 10.18 54.31
N ARG D 633 -9.30 9.38 55.35
CA ARG D 633 -8.37 9.35 56.48
C ARG D 633 -6.96 9.01 56.01
N GLY D 634 -6.83 8.11 55.04
CA GLY D 634 -5.53 7.70 54.55
C GLY D 634 -4.92 8.67 53.57
N MET D 635 -5.75 9.28 52.72
CA MET D 635 -5.22 10.20 51.71
C MET D 635 -4.54 11.40 52.35
N TRP D 636 -4.93 11.75 53.58
CA TRP D 636 -4.32 12.88 54.28
C TRP D 636 -3.13 12.47 55.14
N ASP D 637 -2.75 11.19 55.12
CA ASP D 637 -1.52 10.78 55.78
C ASP D 637 -0.31 11.11 54.94
N GLU D 638 -0.23 10.56 53.72
CA GLU D 638 0.87 10.88 52.83
C GLU D 638 0.87 12.34 52.41
N GLU D 639 -0.30 12.87 52.04
CA GLU D 639 -0.38 14.26 51.60
C GLU D 639 -0.15 15.23 52.74
N ASP D 640 -0.32 14.77 53.99
CA ASP D 640 -0.10 15.60 55.18
C ASP D 640 0.77 14.81 56.15
N PRO D 641 2.04 14.58 55.81
CA PRO D 641 2.87 13.73 56.65
C PRO D 641 3.46 14.41 57.87
N LYS D 642 3.81 15.70 57.79
CA LYS D 642 4.36 16.38 58.95
C LYS D 642 3.36 16.43 60.10
N ASN D 643 2.07 16.41 59.81
CA ASN D 643 1.03 16.44 60.82
C ASN D 643 0.62 15.05 61.28
N SER D 644 1.28 14.01 60.78
CA SER D 644 0.91 12.64 61.15
C SER D 644 1.07 12.44 62.65
N GLY D 645 0.17 11.63 63.21
CA GLY D 645 0.16 11.34 64.63
C GLY D 645 -0.83 12.16 65.44
N ARG D 646 -1.35 13.24 64.89
CA ARG D 646 -2.34 14.04 65.60
C ARG D 646 -3.72 13.37 65.51
N THR D 647 -4.59 13.75 66.44
CA THR D 647 -5.93 13.19 66.48
C THR D 647 -6.69 13.56 65.21
N ALA D 648 -7.12 12.54 64.46
CA ALA D 648 -7.86 12.78 63.24
C ALA D 648 -9.19 13.46 63.53
N LEU D 649 -9.58 14.39 62.66
CA LEU D 649 -10.83 15.13 62.87
C LEU D 649 -12.03 14.21 62.82
N CYS D 650 -12.02 13.20 61.95
CA CYS D 650 -13.18 12.32 61.82
C CYS D 650 -13.62 11.77 63.16
N ASP D 651 -12.66 11.40 64.03
CA ASP D 651 -13.00 11.00 65.38
C ASP D 651 -13.73 12.13 66.11
N LEU D 652 -13.25 13.36 65.94
CA LEU D 652 -13.90 14.50 66.60
C LEU D 652 -15.33 14.67 66.11
N TRP D 653 -15.56 14.58 64.80
CA TRP D 653 -16.91 14.72 64.28
C TRP D 653 -17.82 13.60 64.77
N ILE D 654 -17.33 12.36 64.77
CA ILE D 654 -18.16 11.26 65.24
C ILE D 654 -18.51 11.45 66.71
N LEU D 655 -17.53 11.85 67.53
CA LEU D 655 -17.79 12.08 68.95
C LEU D 655 -18.82 13.18 69.13
N ALA D 656 -18.65 14.30 68.42
CA ALA D 656 -19.60 15.41 68.57
C ALA D 656 -21.00 15.00 68.13
N ALA D 657 -21.10 14.26 67.02
CA ALA D 657 -22.41 13.84 66.54
C ALA D 657 -23.09 12.90 67.52
N ASN D 658 -22.35 11.94 68.08
CA ASN D 658 -22.97 10.96 68.97
C ASN D 658 -23.31 11.57 70.31
N SER D 659 -22.41 12.39 70.88
CA SER D 659 -22.65 12.98 72.17
C SER D 659 -23.74 14.05 72.14
N LYS D 660 -23.94 14.71 71.00
CA LYS D 660 -24.95 15.73 70.78
C LYS D 660 -24.63 17.05 71.46
N ASP D 661 -23.52 17.13 72.20
CA ASP D 661 -23.08 18.37 72.83
C ASP D 661 -21.67 18.69 72.33
N ASN D 662 -21.58 19.64 71.40
CA ASN D 662 -20.29 20.00 70.79
C ASN D 662 -19.55 20.97 71.71
N SER D 663 -18.98 20.41 72.78
CA SER D 663 -18.23 21.19 73.74
C SER D 663 -16.76 21.32 73.38
N ARG D 664 -16.14 20.23 72.91
CA ARG D 664 -14.71 20.29 72.60
C ARG D 664 -14.45 21.01 71.29
N ILE D 665 -15.41 21.00 70.37
CA ILE D 665 -15.29 21.74 69.12
C ILE D 665 -16.03 23.06 69.33
N ALA D 666 -15.28 24.08 69.78
CA ALA D 666 -15.91 25.37 70.08
C ALA D 666 -16.24 26.15 68.83
N PRO D 667 -15.29 26.47 67.94
CA PRO D 667 -15.62 27.32 66.79
C PRO D 667 -16.73 26.75 65.92
N PHE D 668 -16.76 25.43 65.72
CA PHE D 668 -17.83 24.81 64.98
C PHE D 668 -19.03 24.54 65.90
N LYS D 669 -20.16 24.23 65.27
CA LYS D 669 -21.37 23.89 66.01
C LYS D 669 -22.29 23.13 65.08
N ILE D 670 -22.57 21.86 65.40
CA ILE D 670 -23.43 21.03 64.56
C ILE D 670 -24.84 21.62 64.59
N VAL D 671 -25.39 21.92 63.41
CA VAL D 671 -26.72 22.48 63.33
C VAL D 671 -27.71 21.39 62.95
N TYR D 672 -27.33 20.51 62.02
CA TYR D 672 -28.23 19.47 61.54
C TYR D 672 -27.60 18.11 61.74
N ASN D 673 -28.34 17.22 62.42
CA ASN D 673 -27.90 15.82 62.59
C ASN D 673 -29.17 14.97 62.66
N ALA D 674 -29.48 14.27 61.57
CA ALA D 674 -30.64 13.41 61.49
C ALA D 674 -30.17 11.98 61.21
N ASN D 675 -30.68 11.03 62.00
CA ASN D 675 -30.44 9.60 61.85
C ASN D 675 -28.99 9.27 61.51
N ARG D 676 -28.06 10.12 61.97
CA ARG D 676 -26.62 9.84 61.88
C ARG D 676 -26.21 9.43 60.46
N ASN D 677 -26.80 10.09 59.47
CA ASN D 677 -26.41 9.84 58.08
C ASN D 677 -25.89 11.11 57.41
N TYR D 678 -26.60 12.23 57.51
CA TYR D 678 -26.15 13.50 56.99
C TYR D 678 -25.93 14.47 58.15
N ILE D 679 -24.88 15.26 58.05
CA ILE D 679 -24.53 16.21 59.11
C ILE D 679 -24.22 17.55 58.49
N VAL D 680 -24.75 18.61 59.10
CA VAL D 680 -24.54 19.99 58.65
C VAL D 680 -23.96 20.76 59.82
N LEU D 681 -22.71 21.19 59.68
CA LEU D 681 -22.02 22.02 60.66
C LEU D 681 -22.10 23.49 60.26
N LYS D 682 -22.25 24.35 61.26
CA LYS D 682 -22.30 25.79 61.04
C LYS D 682 -21.01 26.42 61.55
N ILE D 683 -20.33 27.15 60.67
CA ILE D 683 -19.13 27.90 61.04
C ILE D 683 -19.56 29.28 61.52
N LEU D 684 -19.30 29.58 62.79
CA LEU D 684 -19.69 30.86 63.36
C LEU D 684 -19.05 32.02 62.61
N GLY E 1 -16.74 7.28 45.95
CA GLY E 1 -17.67 7.53 44.87
C GLY E 1 -18.06 8.99 44.73
N SER E 2 -17.22 9.75 44.03
CA SER E 2 -17.48 11.17 43.82
C SER E 2 -18.03 11.46 42.44
N TRP E 3 -17.91 10.53 41.49
CA TRP E 3 -18.37 10.74 40.13
C TRP E 3 -19.36 9.64 39.78
N ALA E 4 -20.14 9.89 38.73
CA ALA E 4 -21.15 8.93 38.31
C ALA E 4 -20.51 7.56 38.06
N LYS E 5 -21.35 6.53 38.06
CA LYS E 5 -20.90 5.15 37.95
C LYS E 5 -21.52 4.48 36.72
N TRP E 6 -20.82 3.46 36.22
CA TRP E 6 -21.27 2.76 35.02
C TRP E 6 -22.38 1.75 35.33
N SER E 7 -22.71 1.56 36.60
CA SER E 7 -23.76 0.62 36.98
C SER E 7 -23.35 -0.81 36.68
C10 IZU F . -4.71 9.15 27.09
C13 IZU F . -5.15 7.32 29.38
C15 IZU F . -6.99 10.31 31.60
C17 IZU F . -9.57 10.51 31.13
C20 IZU F . -11.34 12.20 30.34
C21 IZU F . -12.56 12.72 31.13
C22 IZU F . -13.66 13.40 30.23
C24 IZU F . -14.99 13.58 31.02
C01 IZU F . -1.83 7.25 19.13
C02 IZU F . -1.88 7.49 20.65
C03 IZU F . -0.82 8.44 21.31
C04 IZU F . -2.91 6.84 21.32
C05 IZU F . -2.93 7.11 22.90
C06 IZU F . -4.25 6.75 23.70
C07 IZU F . -4.09 6.85 25.29
C08 IZU F . -3.53 5.43 25.76
C09 IZU F . -4.41 8.02 25.97
C11 IZU F . -6.13 8.96 27.78
C12 IZU F . -5.98 8.67 29.31
C14 IZU F . -6.36 9.35 30.46
C16 IZU F . -8.47 10.01 32.13
C18 IZU F . -9.74 9.50 29.94
C19 IZU F . -10.26 11.65 31.32
C23 IZU F . -13.13 14.76 29.71
C25 IZU F . -15.90 12.29 31.21
C30 IZU F . -15.94 11.66 35.33
C31 IZU F . -15.45 13.13 35.42
C33 IZU F . -16.20 15.23 34.34
C34 IZU F . -17.05 15.67 33.14
C36 IZU F . -14.73 15.71 34.33
C38 IZU F . -13.77 14.93 35.24
C40 IZU F . -13.95 13.43 35.29
O26 IZU F . -15.63 11.51 32.40
O28 IZU F . -18.05 11.81 33.46
O29 IZU F . -17.04 9.74 33.77
O32 IZU F . -16.18 13.79 34.34
O35 IZU F . -16.73 16.96 32.69
O37 IZU F . -14.75 17.12 34.66
O39 IZU F . -12.36 15.21 34.86
O41 IZU F . -13.46 12.75 34.12
P27 IZU F . -16.69 11.19 33.66
H101 IZU F . -4.75 10.06 26.52
H102 IZU F . -3.93 9.47 27.82
H132 IZU F . -5.55 6.56 28.69
H131 IZU F . -5.16 6.87 30.36
H133 IZU F . -4.10 7.48 29.13
H151 IZU F . -6.32 10.08 32.43
H152 IZU F . -6.90 11.42 31.57
H202 IZU F . -10.86 13.00 29.77
H201 IZU F . -11.67 11.46 29.63
H212 IZU F . -12.99 11.90 31.70
H211 IZU F . -12.23 13.47 31.87
H221 IZU F . -13.87 12.74 29.38
H241 IZU F . -14.73 13.97 32.00
H242 IZU F . -15.58 14.38 30.56
H012 IZU F . -2.80 7.48 18.68
H011 IZU F . -1.59 6.21 18.93
H013 IZU F . -1.08 7.87 18.65
H031 IZU F . -0.29 7.93 22.11
H032 IZU F . -1.32 9.33 21.71
H033 IZU F . -0.09 8.77 20.57
H041 IZU F . -3.76 6.17 21.38
H051 IZU F . -2.74 8.15 23.13
H052 IZU F . -2.09 6.55 23.35
H062 IZU F . -4.59 5.75 23.42
H061 IZU F . -5.06 7.42 23.38
H081 IZU F . -2.63 5.16 25.22
H082 IZU F . -4.28 4.67 25.61
H083 IZU F . -3.29 5.47 26.82
H2 IZU F . -4.15 7.49 26.86
H111 IZU F . -6.79 9.82 27.67
H112 IZU F . -6.68 8.13 27.32
H4 IZU F . -6.86 10.08 29.82
H162 IZU F . -8.64 8.96 32.34
H161 IZU F . -8.67 10.50 33.08
H181 IZU F . -10.78 9.40 29.66
H182 IZU F . -9.38 8.49 30.19
H183 IZU F . -9.17 9.86 29.09
H191 IZU F . -10.02 12.26 32.19
H231 IZU F . -12.76 15.34 30.55
H233 IZU F . -13.91 15.34 29.21
H232 IZU F . -12.30 14.64 29.02
H252 IZU F . -16.95 12.51 31.19
H251 IZU F . -15.75 11.67 30.33
H302 IZU F . -15.13 10.99 35.52
H301 IZU F . -16.69 11.43 36.09
H311 IZU F . -15.76 13.62 36.33
H331 IZU F . -16.66 15.53 35.30
H341 IZU F . -18.11 15.67 33.40
H342 IZU F . -16.98 14.99 32.29
H361 IZU F . -14.36 15.64 33.31
H381 IZU F . -13.88 15.33 36.27
H401 IZU F . -13.45 12.98 36.18
H351 IZU F . -15.90 17.08 32.20
H371 IZU F . -15.04 17.32 35.54
H391 IZU F . -12.15 15.00 33.95
H411 IZU F . -12.50 12.74 34.02
#